data_6U3P
#
_entry.id   6U3P
#
_cell.length_a   125.407
_cell.length_b   125.407
_cell.length_c   129.826
_cell.angle_alpha   90.00
_cell.angle_beta   90.00
_cell.angle_gamma   120.00
#
_symmetry.space_group_name_H-M   'P 31'
#
loop_
_entity.id
_entity.type
_entity.pdbx_description
1 polymer Acetylcholinesterase
2 non-polymer "(2E,2'E)-N,N'-[1,4-diazepane-1,4-diyldi(ethane-2,1-diyl)]bis[2-(hydroxyimino)acetamide]"
3 non-polymer 'DIMETHYL SULFOXIDE'
4 water water
#
_entity_poly.entity_id   1
_entity_poly.type   'polypeptide(L)'
_entity_poly.pdbx_seq_one_letter_code
;GPLEGREDAELLVTVRGGRLRGIRLKTPGGPVSAFLGIPFAEPPMGPRRFLPPEPKQPWSGVVDATTFQSVCYQYVDTLY
PGFEGTEMWNPNRELSEDCLYLNVWTPYPRPTSPTPVLVWIYGGGFYSGASSLDVYDGRFLVQAERTVLVSMNYRVGAFG
FLALPGSREAPGNVGLLDQRLALQWVQENVAAFGGDPTSVTLFGESAGAASVGMHLLSPPSRGLFHRAVLQSGAPNGPWA
TVGMGEARRRATQLAHLVGCPPGGTGGNDTELVACLRTRPAQVLVNHEWHVLPQESVFRFSFVPVVDGDFLSDTPEALIN
AGDFHGLQVLVGVVKDEGSYFLVYGAPGFSKDNESLISRAEFLAGVRVGVPQVSDLAAEAVVLHYTDWLHPEDPARLREA
LSDVVGDHNVVCPVAQLAGRLAAQGARVYAYVFEHRASTLSWPLWMGVPHGYEIEFIFGIPLDPSRNYTAEEKIFAQRLM
RYWANFARTGDPNEPRDPKAPQWPPYTAGAQQYVSLDLRPLEVRRGLRAQACAFWNRFLPKLLSATDTLD
;
_entity_poly.pdbx_strand_id   A,B
#
loop_
_chem_comp.id
_chem_comp.type
_chem_comp.name
_chem_comp.formula
DMS non-polymer 'DIMETHYL SULFOXIDE' 'C2 H6 O S'
PQY non-polymer (2E,2'E)-N,N'-[1,4-diazepane-1,4-diyldi(ethane-2,1-diyl)]bis[2-(hydroxyimino)acetamide] 'C13 H24 N6 O4'
#
# COMPACT_ATOMS: atom_id res chain seq x y z
N GLU A 7 34.71 -28.51 -6.55
CA GLU A 7 34.81 -27.48 -7.59
C GLU A 7 34.62 -28.05 -8.99
N ASP A 8 33.63 -27.53 -9.71
CA ASP A 8 33.41 -27.87 -11.11
C ASP A 8 34.20 -26.89 -11.98
N ALA A 9 34.82 -27.43 -13.04
CA ALA A 9 35.54 -26.60 -13.99
C ALA A 9 34.63 -25.75 -14.86
N GLU A 10 33.34 -26.06 -14.91
CA GLU A 10 32.41 -25.32 -15.76
C GLU A 10 31.80 -24.11 -15.06
N LEU A 11 31.84 -24.05 -13.73
CA LEU A 11 31.31 -22.92 -12.99
C LEU A 11 32.29 -21.76 -12.92
N LEU A 12 33.50 -21.91 -13.43
CA LEU A 12 34.49 -20.84 -13.51
C LEU A 12 34.58 -20.38 -14.96
N VAL A 13 34.15 -19.14 -15.21
CA VAL A 13 34.13 -18.57 -16.55
C VAL A 13 34.70 -17.16 -16.48
N THR A 14 35.55 -16.82 -17.45
CA THR A 14 36.16 -15.50 -17.54
C THR A 14 35.52 -14.71 -18.68
N VAL A 15 35.11 -13.48 -18.39
CA VAL A 15 34.60 -12.57 -19.40
C VAL A 15 35.59 -11.44 -19.61
N ARG A 16 35.27 -10.48 -20.48
CA ARG A 16 36.20 -9.39 -20.75
C ARG A 16 36.43 -8.50 -19.54
N GLY A 17 35.54 -8.53 -18.55
CA GLY A 17 35.68 -7.69 -17.38
C GLY A 17 36.45 -8.35 -16.25
N GLY A 18 36.27 -9.65 -16.09
CA GLY A 18 36.94 -10.37 -15.02
C GLY A 18 36.45 -11.80 -14.94
N ARG A 19 36.77 -12.43 -13.82
CA ARG A 19 36.40 -13.83 -13.58
C ARG A 19 35.10 -13.92 -12.79
N LEU A 20 34.36 -15.00 -13.02
CA LEU A 20 33.08 -15.22 -12.39
C LEU A 20 32.98 -16.64 -11.86
N ARG A 21 32.07 -16.85 -10.93
CA ARG A 21 31.82 -18.18 -10.35
C ARG A 21 30.31 -18.41 -10.35
N GLY A 22 29.86 -19.35 -11.17
CA GLY A 22 28.45 -19.65 -11.29
C GLY A 22 27.97 -20.60 -10.21
N ILE A 23 26.84 -21.24 -10.50
CA ILE A 23 26.21 -22.18 -9.56
C ILE A 23 25.42 -23.20 -10.35
N ARG A 24 25.41 -24.45 -9.87
CA ARG A 24 24.64 -25.51 -10.49
C ARG A 24 23.23 -25.54 -9.93
N LEU A 25 22.24 -25.60 -10.81
CA LEU A 25 20.84 -25.71 -10.45
C LEU A 25 20.32 -27.10 -10.79
N LYS A 26 19.27 -27.51 -10.08
CA LYS A 26 18.73 -28.86 -10.18
C LYS A 26 17.36 -28.81 -10.86
N THR A 27 17.26 -29.44 -12.03
CA THR A 27 15.99 -29.69 -12.69
C THR A 27 15.70 -31.18 -12.67
N PRO A 28 14.43 -31.58 -12.77
CA PRO A 28 14.12 -33.02 -12.75
C PRO A 28 14.77 -33.81 -13.88
N GLY A 29 15.26 -33.14 -14.92
CA GLY A 29 15.90 -33.80 -16.03
C GLY A 29 17.38 -33.57 -16.20
N GLY A 30 18.03 -32.87 -15.27
CA GLY A 30 19.45 -32.61 -15.37
C GLY A 30 19.85 -31.27 -14.79
N PRO A 31 21.14 -31.07 -14.56
CA PRO A 31 21.62 -29.81 -14.00
C PRO A 31 21.88 -28.76 -15.06
N VAL A 32 22.00 -27.52 -14.58
CA VAL A 32 22.21 -26.35 -15.44
C VAL A 32 23.18 -25.41 -14.75
N SER A 33 24.15 -24.89 -15.51
CA SER A 33 25.10 -23.92 -15.00
C SER A 33 24.50 -22.52 -15.13
N ALA A 34 24.36 -21.82 -14.01
CA ALA A 34 23.77 -20.50 -13.96
C ALA A 34 24.76 -19.49 -13.41
N PHE A 35 24.74 -18.28 -13.97
CA PHE A 35 25.62 -17.18 -13.56
C PHE A 35 24.73 -15.98 -13.27
N LEU A 36 24.41 -15.78 -12.00
CA LEU A 36 23.42 -14.78 -11.58
C LEU A 36 24.13 -13.60 -10.92
N GLY A 37 23.89 -12.41 -11.44
CA GLY A 37 24.39 -11.20 -10.84
C GLY A 37 25.64 -10.62 -11.45
N ILE A 38 25.88 -10.84 -12.74
CA ILE A 38 27.06 -10.27 -13.39
C ILE A 38 26.86 -8.77 -13.57
N PRO A 39 27.78 -7.93 -13.12
CA PRO A 39 27.65 -6.48 -13.34
C PRO A 39 28.01 -6.11 -14.77
N PHE A 40 27.08 -5.46 -15.47
CA PHE A 40 27.30 -5.02 -16.83
C PHE A 40 27.32 -3.50 -16.96
N ALA A 41 27.29 -2.78 -15.85
CA ALA A 41 27.33 -1.32 -15.89
C ALA A 41 27.77 -0.80 -14.53
N GLU A 42 28.40 0.38 -14.55
CA GLU A 42 28.70 1.05 -13.30
C GLU A 42 27.41 1.44 -12.59
N PRO A 43 27.36 1.38 -11.27
CA PRO A 43 26.13 1.69 -10.53
C PRO A 43 25.69 3.13 -10.80
N PRO A 44 24.49 3.32 -11.36
CA PRO A 44 23.99 4.67 -11.66
C PRO A 44 23.44 5.39 -10.43
N MET A 45 24.33 5.68 -9.48
CA MET A 45 24.00 6.36 -8.25
C MET A 45 24.61 7.75 -8.23
N GLY A 46 24.13 8.55 -7.27
CA GLY A 46 24.65 9.89 -7.07
C GLY A 46 24.47 10.78 -8.30
N PRO A 47 25.59 11.27 -8.83
CA PRO A 47 25.52 12.15 -10.01
C PRO A 47 25.08 11.43 -11.29
N ARG A 48 25.08 10.10 -11.31
CA ARG A 48 24.69 9.33 -12.48
C ARG A 48 23.20 9.03 -12.54
N ARG A 49 22.42 9.53 -11.59
CA ARG A 49 20.97 9.33 -11.63
C ARG A 49 20.38 10.04 -12.84
N PHE A 50 19.47 9.35 -13.52
CA PHE A 50 18.80 9.78 -14.75
C PHE A 50 19.73 9.86 -15.95
N LEU A 51 20.98 9.40 -15.81
CA LEU A 51 21.93 9.43 -16.89
C LEU A 51 22.03 8.07 -17.57
N PRO A 52 22.43 8.05 -18.85
CA PRO A 52 22.63 6.76 -19.55
C PRO A 52 23.69 5.93 -18.85
N PRO A 53 23.63 4.60 -19.00
CA PRO A 53 24.60 3.75 -18.29
C PRO A 53 25.98 3.82 -18.91
N GLU A 54 26.98 3.57 -18.07
CA GLU A 54 28.36 3.45 -18.51
C GLU A 54 28.82 2.00 -18.35
N PRO A 55 29.70 1.52 -19.23
CA PRO A 55 30.13 0.12 -19.15
C PRO A 55 30.83 -0.19 -17.85
N LYS A 56 30.68 -1.43 -17.40
CA LYS A 56 31.30 -1.88 -16.15
C LYS A 56 32.82 -1.88 -16.28
N GLN A 57 33.48 -1.22 -15.34
CA GLN A 57 34.94 -1.23 -15.33
C GLN A 57 35.45 -2.62 -14.96
N PRO A 58 36.53 -3.08 -15.59
CA PRO A 58 37.03 -4.43 -15.29
C PRO A 58 37.45 -4.55 -13.83
N TRP A 59 37.18 -5.72 -13.26
CA TRP A 59 37.45 -5.98 -11.86
C TRP A 59 38.54 -7.04 -11.72
N SER A 60 39.14 -7.08 -10.53
CA SER A 60 40.18 -8.05 -10.20
C SER A 60 39.60 -9.11 -9.27
N GLY A 61 39.98 -10.36 -9.50
CA GLY A 61 39.51 -11.46 -8.70
C GLY A 61 38.35 -12.20 -9.33
N VAL A 62 37.61 -12.90 -8.49
CA VAL A 62 36.47 -13.70 -8.90
C VAL A 62 35.22 -13.11 -8.26
N VAL A 63 34.35 -12.53 -9.08
CA VAL A 63 33.08 -12.00 -8.61
C VAL A 63 32.10 -13.16 -8.40
N ASP A 64 31.46 -13.19 -7.23
CA ASP A 64 30.50 -14.24 -6.94
C ASP A 64 29.25 -14.04 -7.77
N ALA A 65 28.85 -15.09 -8.49
CA ALA A 65 27.66 -15.07 -9.34
C ALA A 65 26.76 -16.25 -9.00
N THR A 66 26.44 -16.41 -7.71
CA THR A 66 25.66 -17.53 -7.22
C THR A 66 24.30 -17.11 -6.68
N THR A 67 23.91 -15.84 -6.87
CA THR A 67 22.62 -15.38 -6.37
C THR A 67 22.23 -14.13 -7.15
N PHE A 68 20.93 -13.84 -7.14
CA PHE A 68 20.42 -12.67 -7.84
C PHE A 68 20.78 -11.40 -7.09
N GLN A 69 21.16 -10.37 -7.84
CA GLN A 69 21.54 -9.09 -7.26
C GLN A 69 20.29 -8.30 -6.89
N SER A 70 20.47 -7.01 -6.62
CA SER A 70 19.39 -6.17 -6.12
C SER A 70 18.41 -5.82 -7.23
N VAL A 71 17.20 -5.43 -6.83
CA VAL A 71 16.14 -5.01 -7.73
C VAL A 71 16.12 -3.49 -7.78
N CYS A 72 15.89 -2.94 -8.97
CA CYS A 72 15.83 -1.49 -9.11
C CYS A 72 14.64 -0.92 -8.35
N TYR A 73 14.78 0.32 -7.89
CA TYR A 73 13.72 0.96 -7.12
C TYR A 73 12.45 1.07 -7.94
N GLN A 74 11.33 0.70 -7.32
CA GLN A 74 10.05 0.64 -8.03
C GLN A 74 8.92 0.62 -7.01
N TYR A 75 7.72 0.92 -7.51
CA TYR A 75 6.52 0.80 -6.68
C TYR A 75 6.27 -0.66 -6.33
N VAL A 76 5.73 -0.88 -5.13
CA VAL A 76 5.40 -2.22 -4.65
C VAL A 76 3.89 -2.30 -4.46
N ASP A 77 3.27 -3.28 -5.10
CA ASP A 77 1.83 -3.43 -5.03
C ASP A 77 1.42 -3.94 -3.65
N THR A 78 0.58 -3.17 -2.96
CA THR A 78 0.10 -3.55 -1.64
C THR A 78 -1.43 -3.53 -1.55
N LEU A 79 -2.13 -3.48 -2.69
CA LEU A 79 -3.59 -3.48 -2.67
C LEU A 79 -4.16 -4.82 -2.21
N TYR A 80 -3.36 -5.89 -2.29
CA TYR A 80 -3.80 -7.22 -1.86
C TYR A 80 -2.64 -7.92 -1.17
N PRO A 81 -2.39 -7.60 0.09
CA PRO A 81 -1.30 -8.25 0.82
C PRO A 81 -1.55 -9.74 0.95
N GLY A 82 -0.49 -10.53 0.76
CA GLY A 82 -0.56 -11.95 0.97
C GLY A 82 -1.06 -12.68 -0.27
N PHE A 83 -1.71 -11.94 -1.16
CA PHE A 83 -2.27 -12.54 -2.36
C PHE A 83 -1.16 -12.87 -3.36
N GLU A 84 -1.15 -14.12 -3.83
CA GLU A 84 -0.07 -14.57 -4.71
C GLU A 84 -0.19 -13.95 -6.10
N GLY A 85 -1.40 -13.63 -6.55
CA GLY A 85 -1.57 -13.11 -7.89
C GLY A 85 -0.85 -11.80 -8.12
N THR A 86 -0.83 -10.93 -7.12
CA THR A 86 -0.16 -9.65 -7.25
C THR A 86 1.28 -9.69 -6.77
N GLU A 87 1.56 -10.47 -5.72
CA GLU A 87 2.89 -10.51 -5.13
C GLU A 87 3.89 -11.34 -5.92
N MET A 88 3.43 -12.18 -6.85
CA MET A 88 4.37 -12.92 -7.69
C MET A 88 5.19 -12.01 -8.59
N TRP A 89 4.72 -10.78 -8.83
CA TRP A 89 5.46 -9.81 -9.62
C TRP A 89 6.21 -8.79 -8.77
N ASN A 90 6.04 -8.83 -7.46
CA ASN A 90 6.69 -7.90 -6.55
C ASN A 90 8.16 -8.27 -6.36
N PRO A 91 8.99 -7.33 -5.93
CA PRO A 91 10.42 -7.62 -5.77
C PRO A 91 10.68 -8.74 -4.76
N ASN A 92 11.63 -9.61 -5.10
CA ASN A 92 12.07 -10.69 -4.22
C ASN A 92 13.44 -10.44 -3.62
N ARG A 93 14.17 -9.43 -4.08
CA ARG A 93 15.42 -9.00 -3.47
C ARG A 93 15.27 -7.55 -3.00
N GLU A 94 16.25 -7.11 -2.23
CA GLU A 94 16.21 -5.76 -1.69
C GLU A 94 16.34 -4.73 -2.81
N LEU A 95 15.81 -3.53 -2.55
CA LEU A 95 15.79 -2.46 -3.54
C LEU A 95 17.05 -1.61 -3.42
N SER A 96 17.60 -1.23 -4.58
CA SER A 96 18.81 -0.41 -4.62
C SER A 96 18.95 0.17 -6.01
N GLU A 97 19.48 1.40 -6.07
CA GLU A 97 19.83 1.98 -7.37
C GLU A 97 20.99 1.24 -8.01
N ASP A 98 21.81 0.54 -7.21
CA ASP A 98 22.83 -0.37 -7.71
C ASP A 98 22.13 -1.67 -8.09
N CYS A 99 21.54 -1.68 -9.28
CA CYS A 99 20.74 -2.80 -9.72
C CYS A 99 21.08 -3.32 -11.12
N LEU A 100 21.90 -2.60 -11.88
CA LEU A 100 22.18 -3.01 -13.26
C LEU A 100 23.04 -4.26 -13.29
N TYR A 101 22.39 -5.43 -13.32
CA TYR A 101 23.06 -6.71 -13.42
C TYR A 101 22.28 -7.60 -14.37
N LEU A 102 22.95 -8.63 -14.88
CA LEU A 102 22.32 -9.60 -15.77
C LEU A 102 22.61 -11.02 -15.29
N ASN A 103 21.89 -11.98 -15.86
CA ASN A 103 22.01 -13.37 -15.49
C ASN A 103 22.09 -14.23 -16.74
N VAL A 104 22.91 -15.28 -16.69
CA VAL A 104 23.15 -16.15 -17.84
C VAL A 104 22.95 -17.59 -17.40
N TRP A 105 22.04 -18.30 -18.06
CA TRP A 105 21.86 -19.73 -17.87
C TRP A 105 22.45 -20.46 -19.07
N THR A 106 23.22 -21.52 -18.80
CA THR A 106 23.82 -22.33 -19.85
C THR A 106 23.72 -23.79 -19.47
N PRO A 107 23.54 -24.68 -20.45
CA PRO A 107 23.34 -26.09 -20.13
C PRO A 107 24.62 -26.76 -19.63
N TYR A 108 24.43 -27.89 -18.95
CA TYR A 108 25.51 -28.73 -18.50
C TYR A 108 25.42 -30.09 -19.18
N PRO A 109 26.49 -30.56 -19.85
CA PRO A 109 27.76 -29.85 -20.02
C PRO A 109 27.65 -28.65 -20.96
N ARG A 110 28.56 -27.69 -20.81
CA ARG A 110 28.51 -26.49 -21.61
C ARG A 110 28.61 -26.85 -23.10
N PRO A 111 27.78 -26.25 -23.95
CA PRO A 111 27.83 -26.61 -25.38
C PRO A 111 29.17 -26.28 -26.00
N THR A 112 29.72 -27.26 -26.73
CA THR A 112 30.99 -27.04 -27.43
C THR A 112 30.80 -26.23 -28.70
N SER A 113 29.65 -26.33 -29.35
CA SER A 113 29.29 -25.56 -30.53
C SER A 113 28.47 -24.34 -30.15
N PRO A 114 28.60 -23.25 -30.91
CA PRO A 114 27.80 -22.05 -30.61
C PRO A 114 26.30 -22.35 -30.69
N THR A 115 25.59 -21.96 -29.63
CA THR A 115 24.17 -22.24 -29.45
C THR A 115 23.36 -20.95 -29.49
N PRO A 116 22.20 -20.96 -30.14
CA PRO A 116 21.35 -19.76 -30.16
C PRO A 116 21.03 -19.26 -28.76
N VAL A 117 20.91 -17.93 -28.64
CA VAL A 117 20.75 -17.26 -27.35
C VAL A 117 19.36 -16.64 -27.29
N LEU A 118 18.71 -16.80 -26.13
CA LEU A 118 17.46 -16.13 -25.83
C LEU A 118 17.71 -15.02 -24.81
N VAL A 119 17.08 -13.88 -25.02
CA VAL A 119 17.26 -12.71 -24.15
C VAL A 119 15.88 -12.26 -23.68
N TRP A 120 15.62 -12.40 -22.38
CA TRP A 120 14.33 -12.07 -21.81
C TRP A 120 14.34 -10.64 -21.26
N ILE A 121 13.29 -9.90 -21.56
CA ILE A 121 13.09 -8.55 -21.04
C ILE A 121 11.76 -8.56 -20.30
N TYR A 122 11.81 -8.41 -18.97
CA TYR A 122 10.60 -8.45 -18.17
C TYR A 122 9.73 -7.23 -18.46
N GLY A 123 8.44 -7.39 -18.19
CA GLY A 123 7.47 -6.31 -18.33
C GLY A 123 7.27 -5.56 -17.03
N GLY A 124 6.06 -5.02 -16.87
CA GLY A 124 5.73 -4.30 -15.67
C GLY A 124 5.50 -2.82 -15.91
N GLY A 125 4.87 -2.49 -17.04
CA GLY A 125 4.46 -1.11 -17.34
C GLY A 125 5.52 -0.05 -17.19
N PHE A 126 6.79 -0.42 -17.40
CA PHE A 126 7.95 0.48 -17.30
C PHE A 126 8.09 1.11 -15.92
N TYR A 127 7.35 0.64 -14.93
CA TYR A 127 7.44 1.14 -13.57
C TYR A 127 7.94 0.11 -12.56
N SER A 128 8.03 -1.16 -12.94
CA SER A 128 8.41 -2.21 -12.00
C SER A 128 9.00 -3.38 -12.79
N GLY A 129 9.28 -4.48 -12.10
CA GLY A 129 9.79 -5.67 -12.72
C GLY A 129 11.22 -5.98 -12.26
N ALA A 130 11.58 -7.26 -12.41
CA ALA A 130 12.90 -7.73 -12.02
C ALA A 130 13.15 -9.08 -12.68
N SER A 131 14.38 -9.32 -13.09
CA SER A 131 14.76 -10.58 -13.70
C SER A 131 14.95 -11.70 -12.69
N SER A 132 14.82 -11.40 -11.39
CA SER A 132 15.01 -12.39 -10.34
C SER A 132 13.72 -13.08 -9.92
N LEU A 133 12.60 -12.75 -10.56
CA LEU A 133 11.33 -13.37 -10.18
C LEU A 133 11.35 -14.87 -10.45
N ASP A 134 10.61 -15.61 -9.61
CA ASP A 134 10.61 -17.06 -9.72
C ASP A 134 10.01 -17.54 -11.04
N VAL A 135 9.08 -16.77 -11.61
CA VAL A 135 8.47 -17.14 -12.89
C VAL A 135 9.39 -16.88 -14.06
N TYR A 136 10.50 -16.17 -13.86
CA TYR A 136 11.48 -15.96 -14.91
C TYR A 136 12.68 -16.89 -14.76
N ASP A 137 12.60 -17.88 -13.87
CA ASP A 137 13.66 -18.86 -13.69
C ASP A 137 13.83 -19.68 -14.96
N GLY A 138 14.88 -19.42 -15.72
CA GLY A 138 15.07 -20.07 -17.01
C GLY A 138 15.83 -21.37 -16.94
N ARG A 139 15.86 -22.02 -15.78
CA ARG A 139 16.58 -23.28 -15.66
C ARG A 139 15.87 -24.40 -16.40
N PHE A 140 14.55 -24.32 -16.54
CA PHE A 140 13.79 -25.39 -17.18
C PHE A 140 13.83 -25.30 -18.69
N LEU A 141 14.03 -24.09 -19.24
CA LEU A 141 14.08 -23.94 -20.68
C LEU A 141 15.43 -24.36 -21.24
N VAL A 142 16.52 -23.86 -20.62
CA VAL A 142 17.85 -24.17 -21.12
C VAL A 142 18.23 -25.63 -20.91
N GLN A 143 17.49 -26.34 -20.07
CA GLN A 143 17.74 -27.77 -19.87
C GLN A 143 16.96 -28.61 -20.89
N ALA A 144 15.70 -28.25 -21.14
CA ALA A 144 14.87 -29.03 -22.04
C ALA A 144 15.19 -28.78 -23.51
N GLU A 145 15.70 -27.60 -23.83
CA GLU A 145 15.99 -27.22 -25.21
C GLU A 145 17.44 -26.89 -25.47
N ARG A 146 18.29 -26.89 -24.43
CA ARG A 146 19.74 -26.75 -24.59
C ARG A 146 20.12 -25.43 -25.27
N THR A 147 19.36 -24.37 -25.03
CA THR A 147 19.71 -23.05 -25.53
C THR A 147 20.34 -22.24 -24.40
N VAL A 148 20.77 -21.02 -24.73
CA VAL A 148 21.35 -20.10 -23.76
C VAL A 148 20.35 -18.98 -23.51
N LEU A 149 20.17 -18.63 -22.24
CA LEU A 149 19.21 -17.61 -21.84
C LEU A 149 19.91 -16.53 -21.03
N VAL A 150 19.64 -15.27 -21.37
CA VAL A 150 20.20 -14.12 -20.69
C VAL A 150 19.06 -13.17 -20.32
N SER A 151 18.95 -12.83 -19.04
CA SER A 151 17.98 -11.87 -18.55
C SER A 151 18.70 -10.77 -17.79
N MET A 152 18.33 -9.52 -18.07
CA MET A 152 18.99 -8.37 -17.47
C MET A 152 18.00 -7.55 -16.66
N ASN A 153 18.55 -6.71 -15.80
CA ASN A 153 17.79 -5.71 -15.07
C ASN A 153 17.98 -4.36 -15.74
N TYR A 154 16.91 -3.56 -15.76
CA TYR A 154 16.98 -2.20 -16.29
C TYR A 154 16.20 -1.29 -15.36
N ARG A 155 16.58 -0.01 -15.38
CA ARG A 155 15.97 0.97 -14.49
C ARG A 155 14.53 1.23 -14.89
N VAL A 156 13.62 1.08 -13.93
CA VAL A 156 12.20 1.35 -14.16
C VAL A 156 11.84 2.64 -13.44
N GLY A 157 10.57 3.05 -13.53
CA GLY A 157 10.13 4.26 -12.86
C GLY A 157 10.82 5.50 -13.39
N ALA A 158 10.91 6.52 -12.53
CA ALA A 158 11.58 7.76 -12.92
C ALA A 158 13.07 7.55 -13.10
N PHE A 159 13.66 6.60 -12.38
CA PHE A 159 15.10 6.34 -12.50
C PHE A 159 15.47 5.85 -13.89
N GLY A 160 14.49 5.36 -14.65
CA GLY A 160 14.76 4.86 -15.98
C GLY A 160 14.05 5.60 -17.10
N PHE A 161 13.03 6.39 -16.76
CA PHE A 161 12.22 7.02 -17.80
C PHE A 161 11.75 8.43 -17.47
N LEU A 162 12.30 9.08 -16.44
CA LEU A 162 12.03 10.49 -16.24
C LEU A 162 12.77 11.28 -17.31
N ALA A 163 12.04 12.08 -18.08
CA ALA A 163 12.59 12.73 -19.26
C ALA A 163 12.31 14.22 -19.22
N LEU A 164 13.38 15.02 -19.27
CA LEU A 164 13.29 16.44 -19.59
C LEU A 164 13.89 16.60 -20.99
N PRO A 165 13.08 16.45 -22.04
CA PRO A 165 13.64 16.36 -23.40
C PRO A 165 14.39 17.63 -23.79
N GLY A 166 15.51 17.44 -24.48
CA GLY A 166 16.37 18.51 -24.91
C GLY A 166 17.54 18.77 -23.99
N SER A 167 17.38 18.49 -22.70
CA SER A 167 18.44 18.74 -21.73
C SER A 167 19.43 17.58 -21.70
N ARG A 168 20.52 17.79 -20.97
CA ARG A 168 21.54 16.76 -20.79
C ARG A 168 21.39 15.99 -19.50
N GLU A 169 20.87 16.61 -18.44
CA GLU A 169 20.83 15.96 -17.14
C GLU A 169 19.73 14.91 -17.05
N ALA A 170 18.78 14.91 -17.98
CA ALA A 170 17.68 13.96 -17.98
C ALA A 170 17.15 13.82 -19.40
N PRO A 171 17.83 13.05 -20.24
CA PRO A 171 17.38 12.90 -21.63
C PRO A 171 16.21 11.95 -21.81
N GLY A 172 15.98 11.05 -20.86
CA GLY A 172 14.94 10.06 -20.98
C GLY A 172 15.42 8.82 -21.72
N ASN A 173 14.60 7.77 -21.63
CA ASN A 173 14.87 6.46 -22.25
C ASN A 173 16.17 5.85 -21.75
N VAL A 174 16.65 6.25 -20.57
CA VAL A 174 17.85 5.63 -20.03
C VAL A 174 17.60 4.19 -19.62
N GLY A 175 16.34 3.82 -19.39
CA GLY A 175 16.03 2.42 -19.13
C GLY A 175 16.19 1.57 -20.38
N LEU A 176 15.78 2.09 -21.54
CA LEU A 176 15.99 1.38 -22.79
C LEU A 176 17.46 1.27 -23.12
N LEU A 177 18.27 2.26 -22.71
CA LEU A 177 19.70 2.17 -22.91
C LEU A 177 20.34 1.13 -22.01
N ASP A 178 19.76 0.89 -20.82
CA ASP A 178 20.22 -0.20 -19.98
C ASP A 178 20.09 -1.54 -20.70
N GLN A 179 18.96 -1.77 -21.37
CA GLN A 179 18.76 -3.01 -22.10
C GLN A 179 19.72 -3.11 -23.29
N ARG A 180 19.99 -1.99 -23.95
CA ARG A 180 20.92 -2.01 -25.08
C ARG A 180 22.33 -2.36 -24.64
N LEU A 181 22.77 -1.79 -23.51
CA LEU A 181 24.10 -2.10 -23.00
C LEU A 181 24.24 -3.58 -22.65
N ALA A 182 23.17 -4.17 -22.12
CA ALA A 182 23.20 -5.61 -21.84
C ALA A 182 23.27 -6.42 -23.12
N LEU A 183 22.64 -5.94 -24.20
CA LEU A 183 22.73 -6.64 -25.47
C LEU A 183 24.13 -6.53 -26.06
N GLN A 184 24.79 -5.38 -25.87
CA GLN A 184 26.20 -5.26 -26.24
C GLN A 184 27.06 -6.18 -25.39
N TRP A 185 26.69 -6.38 -24.12
CA TRP A 185 27.42 -7.32 -23.27
C TRP A 185 27.27 -8.75 -23.77
N VAL A 186 26.06 -9.13 -24.20
CA VAL A 186 25.84 -10.47 -24.73
C VAL A 186 26.64 -10.67 -26.02
N GLN A 187 26.67 -9.65 -26.88
CA GLN A 187 27.38 -9.76 -28.14
C GLN A 187 28.89 -9.89 -27.95
N GLU A 188 29.41 -9.51 -26.78
CA GLU A 188 30.83 -9.56 -26.49
C GLU A 188 31.22 -10.68 -25.54
N ASN A 189 30.27 -11.29 -24.82
CA ASN A 189 30.64 -12.25 -23.79
C ASN A 189 29.84 -13.54 -23.78
N VAL A 190 28.76 -13.66 -24.57
CA VAL A 190 27.96 -14.88 -24.49
C VAL A 190 28.69 -16.07 -25.12
N ALA A 191 29.72 -15.81 -25.93
CA ALA A 191 30.47 -16.92 -26.51
C ALA A 191 31.25 -17.69 -25.45
N ALA A 192 31.71 -17.00 -24.40
CA ALA A 192 32.42 -17.67 -23.32
C ALA A 192 31.52 -18.64 -22.55
N PHE A 193 30.21 -18.47 -22.64
CA PHE A 193 29.26 -19.41 -22.04
C PHE A 193 28.75 -20.44 -23.04
N GLY A 194 29.32 -20.48 -24.24
CA GLY A 194 28.85 -21.40 -25.26
C GLY A 194 27.70 -20.90 -26.08
N GLY A 195 27.53 -19.58 -26.17
CA GLY A 195 26.43 -18.99 -26.89
C GLY A 195 26.85 -18.43 -28.25
N ASP A 196 25.91 -18.44 -29.19
CA ASP A 196 26.17 -17.94 -30.54
C ASP A 196 25.70 -16.50 -30.65
N PRO A 197 26.63 -15.53 -30.63
CA PRO A 197 26.21 -14.12 -30.73
C PRO A 197 25.61 -13.75 -32.08
N THR A 198 25.67 -14.64 -33.07
CA THR A 198 25.06 -14.41 -34.38
C THR A 198 23.64 -14.96 -34.47
N SER A 199 23.07 -15.39 -33.35
CA SER A 199 21.71 -15.93 -33.31
C SER A 199 21.05 -15.53 -31.99
N VAL A 200 20.98 -14.23 -31.75
CA VAL A 200 20.37 -13.68 -30.54
C VAL A 200 18.90 -13.39 -30.81
N THR A 201 18.02 -13.93 -29.97
CA THR A 201 16.58 -13.78 -30.11
C THR A 201 16.04 -13.04 -28.89
N LEU A 202 15.40 -11.91 -29.12
CA LEU A 202 14.74 -11.16 -28.06
C LEU A 202 13.33 -11.67 -27.84
N PHE A 203 12.92 -11.75 -26.57
CA PHE A 203 11.53 -12.02 -26.24
C PHE A 203 11.19 -11.36 -24.90
N GLY A 204 10.00 -10.76 -24.86
CA GLY A 204 9.54 -10.05 -23.68
C GLY A 204 8.03 -10.02 -23.65
N GLU A 205 7.50 -9.63 -22.49
CA GLU A 205 6.07 -9.61 -22.27
C GLU A 205 5.65 -8.25 -21.72
N SER A 206 4.46 -7.80 -22.12
CA SER A 206 3.92 -6.51 -21.72
C SER A 206 4.89 -5.39 -22.06
N ALA A 207 5.34 -4.66 -21.03
CA ALA A 207 6.31 -3.59 -21.26
C ALA A 207 7.61 -4.12 -21.84
N GLY A 208 7.97 -5.37 -21.50
CA GLY A 208 9.13 -5.98 -22.14
C GLY A 208 8.89 -6.25 -23.61
N ALA A 209 7.67 -6.64 -23.97
CA ALA A 209 7.34 -6.80 -25.39
C ALA A 209 7.38 -5.46 -26.11
N ALA A 210 6.86 -4.40 -25.48
CA ALA A 210 6.98 -3.07 -26.07
C ALA A 210 8.44 -2.64 -26.16
N SER A 211 9.29 -3.12 -25.24
CA SER A 211 10.71 -2.82 -25.32
C SER A 211 11.36 -3.56 -26.48
N VAL A 212 10.97 -4.82 -26.69
CA VAL A 212 11.48 -5.56 -27.84
C VAL A 212 11.10 -4.88 -29.14
N GLY A 213 9.88 -4.33 -29.19
CA GLY A 213 9.45 -3.62 -30.38
C GLY A 213 10.22 -2.35 -30.63
N MET A 214 10.63 -1.65 -29.57
CA MET A 214 11.41 -0.44 -29.72
C MET A 214 12.87 -0.72 -30.06
N HIS A 215 13.35 -1.93 -29.76
CA HIS A 215 14.68 -2.32 -30.23
C HIS A 215 14.67 -2.66 -31.72
N LEU A 216 13.52 -3.08 -32.25
CA LEU A 216 13.38 -3.24 -33.69
C LEU A 216 13.43 -1.90 -34.41
N LEU A 217 12.94 -0.84 -33.76
CA LEU A 217 12.81 0.47 -34.37
C LEU A 217 13.99 1.39 -34.10
N SER A 218 14.86 1.04 -33.14
CA SER A 218 16.05 1.82 -32.88
C SER A 218 17.22 1.26 -33.69
N PRO A 219 17.79 2.02 -34.61
CA PRO A 219 18.86 1.50 -35.48
C PRO A 219 20.05 0.98 -34.69
N PRO A 220 20.56 1.70 -33.68
CA PRO A 220 21.74 1.19 -32.95
C PRO A 220 21.51 -0.12 -32.22
N SER A 221 20.26 -0.54 -32.03
CA SER A 221 19.96 -1.78 -31.33
C SER A 221 19.69 -2.94 -32.27
N ARG A 222 19.44 -2.69 -33.55
CA ARG A 222 19.06 -3.76 -34.47
C ARG A 222 20.21 -4.74 -34.68
N GLY A 223 21.45 -4.25 -34.72
CA GLY A 223 22.59 -5.12 -34.93
C GLY A 223 22.94 -6.03 -33.77
N LEU A 224 22.22 -5.94 -32.65
CA LEU A 224 22.53 -6.71 -31.46
C LEU A 224 21.65 -7.95 -31.31
N PHE A 225 20.80 -8.24 -32.29
CA PHE A 225 19.96 -9.43 -32.27
C PHE A 225 19.48 -9.71 -33.69
N HIS A 226 18.72 -10.78 -33.86
CA HIS A 226 18.34 -11.22 -35.20
C HIS A 226 16.86 -11.52 -35.30
N ARG A 227 16.24 -11.94 -34.20
CA ARG A 227 14.82 -12.27 -34.15
C ARG A 227 14.18 -11.57 -32.96
N ALA A 228 12.85 -11.56 -32.94
CA ALA A 228 12.11 -10.86 -31.89
C ALA A 228 10.83 -11.62 -31.57
N VAL A 229 10.40 -11.50 -30.32
CA VAL A 229 9.12 -12.06 -29.85
C VAL A 229 8.46 -11.03 -28.97
N LEU A 230 7.21 -10.69 -29.28
CA LEU A 230 6.44 -9.69 -28.52
C LEU A 230 5.20 -10.37 -27.98
N GLN A 231 5.14 -10.54 -26.66
CA GLN A 231 4.03 -11.23 -26.00
C GLN A 231 3.18 -10.19 -25.28
N SER A 232 1.97 -9.98 -25.80
CA SER A 232 0.98 -9.09 -25.17
C SER A 232 1.53 -7.68 -25.00
N GLY A 233 2.18 -7.18 -26.04
CA GLY A 233 2.74 -5.84 -26.01
C GLY A 233 3.33 -5.39 -27.32
N ALA A 234 3.32 -4.08 -27.55
CA ALA A 234 3.82 -3.50 -28.78
C ALA A 234 4.24 -2.06 -28.51
N PRO A 235 5.23 -1.56 -29.24
CA PRO A 235 5.66 -0.16 -29.01
C PRO A 235 4.64 0.86 -29.43
N ASN A 236 3.69 0.51 -30.30
CA ASN A 236 2.70 1.44 -30.81
C ASN A 236 1.44 1.49 -29.95
N GLY A 237 1.51 1.04 -28.70
CA GLY A 237 0.37 1.09 -27.81
C GLY A 237 0.09 2.50 -27.31
N PRO A 238 -1.12 2.72 -26.80
CA PRO A 238 -1.44 4.04 -26.23
C PRO A 238 -0.76 4.32 -24.90
N TRP A 239 -0.11 3.31 -24.31
CA TRP A 239 0.55 3.46 -23.02
C TRP A 239 2.07 3.38 -23.11
N ALA A 240 2.61 2.85 -24.20
CA ALA A 240 4.04 2.57 -24.29
C ALA A 240 4.88 3.79 -24.64
N THR A 241 4.26 4.93 -24.97
CA THR A 241 5.01 6.13 -25.28
C THR A 241 4.22 7.36 -24.84
N VAL A 242 4.96 8.44 -24.56
CA VAL A 242 4.37 9.73 -24.22
C VAL A 242 5.10 10.81 -25.02
N GLY A 243 4.41 11.92 -25.22
CA GLY A 243 5.00 13.04 -25.94
C GLY A 243 6.00 13.81 -25.11
N MET A 244 6.79 14.63 -25.80
CA MET A 244 7.79 15.45 -25.12
C MET A 244 7.13 16.46 -24.18
N GLY A 245 6.00 17.04 -24.60
CA GLY A 245 5.32 18.01 -23.76
C GLY A 245 4.73 17.41 -22.51
N GLU A 246 4.30 16.14 -22.58
CA GLU A 246 3.71 15.49 -21.41
C GLU A 246 4.78 14.99 -20.45
N ALA A 247 5.88 14.45 -20.98
CA ALA A 247 6.95 13.96 -20.12
C ALA A 247 7.58 15.08 -19.32
N ARG A 248 7.66 16.28 -19.89
CA ARG A 248 8.21 17.42 -19.15
C ARG A 248 7.25 17.86 -18.05
N ARG A 249 5.94 17.76 -18.30
CA ARG A 249 4.98 18.13 -17.26
C ARG A 249 4.95 17.11 -16.14
N ARG A 250 5.06 15.83 -16.47
CA ARG A 250 5.07 14.80 -15.43
C ARG A 250 6.33 14.87 -14.59
N ALA A 251 7.47 15.17 -15.22
CA ALA A 251 8.73 15.28 -14.48
C ALA A 251 8.71 16.49 -13.56
N THR A 252 8.19 17.63 -14.04
CA THR A 252 8.12 18.83 -13.21
C THR A 252 7.18 18.65 -12.03
N GLN A 253 6.10 17.88 -12.22
CA GLN A 253 5.17 17.66 -11.11
C GLN A 253 5.79 16.77 -10.04
N LEU A 254 6.56 15.76 -10.45
CA LEU A 254 7.25 14.92 -9.47
C LEU A 254 8.26 15.74 -8.68
N ALA A 255 8.99 16.63 -9.36
CA ALA A 255 9.94 17.48 -8.65
C ALA A 255 9.23 18.39 -7.66
N HIS A 256 8.08 18.93 -8.06
CA HIS A 256 7.31 19.79 -7.15
C HIS A 256 6.79 19.00 -5.95
N LEU A 257 6.37 17.76 -6.19
CA LEU A 257 5.81 16.94 -5.11
C LEU A 257 6.85 16.60 -4.04
N VAL A 258 8.14 16.68 -4.37
CA VAL A 258 9.21 16.38 -3.42
C VAL A 258 10.00 17.61 -3.02
N GLY A 259 9.60 18.79 -3.48
CA GLY A 259 10.25 20.02 -3.05
C GLY A 259 11.32 20.54 -3.97
N CYS A 260 11.17 20.36 -5.28
CA CYS A 260 12.13 20.85 -6.26
C CYS A 260 11.37 21.67 -7.29
N PRO A 261 11.74 22.95 -7.51
CA PRO A 261 12.84 23.63 -6.83
C PRO A 261 12.42 24.21 -5.47
N PRO A 262 13.38 24.44 -4.58
CA PRO A 262 13.07 25.08 -3.30
C PRO A 262 12.58 26.50 -3.51
N GLY A 263 11.37 26.78 -3.03
CA GLY A 263 10.75 28.07 -3.24
C GLY A 263 11.49 29.16 -2.49
N GLY A 264 11.99 30.17 -3.20
CA GLY A 264 11.87 30.23 -4.65
C GLY A 264 13.20 30.42 -5.34
N THR A 265 13.60 29.41 -6.13
CA THR A 265 14.91 29.43 -6.78
C THR A 265 14.78 29.14 -8.27
N GLY A 266 13.82 28.32 -8.65
CA GLY A 266 13.71 27.87 -10.02
C GLY A 266 14.70 26.77 -10.33
N GLY A 267 14.68 26.33 -11.59
CA GLY A 267 13.80 26.87 -12.60
C GLY A 267 14.02 26.20 -13.94
N ASN A 268 15.28 26.19 -14.38
CA ASN A 268 15.66 25.51 -15.61
C ASN A 268 15.80 24.01 -15.37
N ASP A 269 16.11 23.28 -16.43
CA ASP A 269 16.28 21.83 -16.30
C ASP A 269 17.52 21.47 -15.49
N THR A 270 18.53 22.34 -15.50
CA THR A 270 19.75 22.06 -14.74
C THR A 270 19.49 22.06 -13.24
N GLU A 271 18.85 23.11 -12.74
CA GLU A 271 18.55 23.21 -11.32
C GLU A 271 17.47 22.21 -10.89
N LEU A 272 16.64 21.74 -11.81
CA LEU A 272 15.55 20.84 -11.45
C LEU A 272 16.04 19.41 -11.27
N VAL A 273 16.88 18.93 -12.18
CA VAL A 273 17.40 17.57 -12.06
C VAL A 273 18.43 17.47 -10.95
N ALA A 274 19.26 18.51 -10.79
CA ALA A 274 20.24 18.52 -9.71
C ALA A 274 19.56 18.47 -8.34
N CYS A 275 18.40 19.11 -8.22
CA CYS A 275 17.62 19.00 -6.99
C CYS A 275 17.00 17.62 -6.85
N LEU A 276 16.65 16.98 -7.96
CA LEU A 276 16.09 15.63 -7.89
C LEU A 276 17.11 14.61 -7.42
N ARG A 277 18.40 14.83 -7.72
CA ARG A 277 19.42 13.87 -7.33
C ARG A 277 19.69 13.87 -5.82
N THR A 278 19.34 14.95 -5.12
CA THR A 278 19.60 15.02 -3.69
C THR A 278 18.57 14.26 -2.87
N ARG A 279 17.38 14.03 -3.40
CA ARG A 279 16.34 13.34 -2.66
C ARG A 279 16.60 11.84 -2.62
N PRO A 280 16.20 11.17 -1.54
CA PRO A 280 16.34 9.71 -1.50
C PRO A 280 15.51 9.03 -2.58
N ALA A 281 15.91 7.81 -2.92
CA ALA A 281 15.26 7.09 -4.01
C ALA A 281 13.81 6.77 -3.69
N GLN A 282 13.53 6.32 -2.47
CA GLN A 282 12.17 5.94 -2.10
C GLN A 282 11.23 7.15 -2.10
N VAL A 283 11.77 8.34 -1.82
CA VAL A 283 10.93 9.54 -1.83
C VAL A 283 10.36 9.79 -3.22
N LEU A 284 11.19 9.58 -4.26
CA LEU A 284 10.71 9.76 -5.63
C LEU A 284 9.68 8.71 -5.98
N VAL A 285 9.84 7.48 -5.48
CA VAL A 285 8.91 6.41 -5.79
C VAL A 285 7.54 6.67 -5.15
N ASN A 286 7.52 7.27 -3.95
CA ASN A 286 6.28 7.46 -3.22
C ASN A 286 5.35 8.50 -3.85
N HIS A 287 5.77 9.17 -4.92
CA HIS A 287 4.91 10.13 -5.60
C HIS A 287 4.78 9.83 -7.10
N GLU A 288 5.04 8.58 -7.49
CA GLU A 288 5.05 8.25 -8.92
C GLU A 288 3.64 8.28 -9.50
N TRP A 289 2.67 7.71 -8.79
CA TRP A 289 1.32 7.61 -9.33
C TRP A 289 0.56 8.93 -9.27
N HIS A 290 1.05 9.90 -8.51
CA HIS A 290 0.36 11.17 -8.35
C HIS A 290 0.67 12.16 -9.47
N VAL A 291 1.35 11.73 -10.52
CA VAL A 291 1.64 12.61 -11.66
C VAL A 291 0.85 12.23 -12.90
N LEU A 292 0.03 11.19 -12.84
CA LEU A 292 -0.80 10.83 -13.97
C LEU A 292 -1.86 11.91 -14.19
N PRO A 293 -2.20 12.20 -15.45
CA PRO A 293 -3.10 13.34 -15.71
C PRO A 293 -4.54 13.11 -15.25
N GLN A 294 -5.04 11.88 -15.31
CA GLN A 294 -6.42 11.62 -14.92
C GLN A 294 -6.53 10.20 -14.39
N GLU A 295 -7.67 9.92 -13.75
CA GLU A 295 -7.96 8.58 -13.28
C GLU A 295 -8.09 7.64 -14.47
N SER A 296 -7.40 6.50 -14.41
CA SER A 296 -7.37 5.59 -15.55
C SER A 296 -6.84 4.23 -15.09
N VAL A 297 -6.90 3.27 -16.02
CA VAL A 297 -6.26 1.98 -15.86
C VAL A 297 -5.39 1.73 -17.09
N PHE A 298 -4.37 0.90 -16.92
CA PHE A 298 -3.42 0.58 -17.98
C PHE A 298 -2.70 1.84 -18.47
N ARG A 299 -2.46 2.79 -17.58
CA ARG A 299 -1.68 3.99 -17.87
C ARG A 299 -0.60 4.14 -16.81
N PHE A 300 0.60 4.49 -17.23
CA PHE A 300 1.76 4.55 -16.36
C PHE A 300 2.44 5.90 -16.47
N SER A 301 3.10 6.32 -15.39
CA SER A 301 3.66 7.66 -15.28
C SER A 301 4.87 7.86 -16.18
N PHE A 302 5.99 7.21 -15.87
CA PHE A 302 7.25 7.44 -16.55
C PHE A 302 7.47 6.33 -17.58
N VAL A 303 7.39 6.71 -18.85
CA VAL A 303 7.34 5.78 -19.97
C VAL A 303 8.29 6.25 -21.05
N PRO A 304 8.83 5.31 -21.86
CA PRO A 304 9.63 5.70 -23.03
C PRO A 304 9.08 6.88 -23.80
N VAL A 305 9.92 7.89 -24.03
CA VAL A 305 9.51 9.13 -24.66
C VAL A 305 10.01 9.15 -26.10
N VAL A 306 9.34 9.94 -26.93
CA VAL A 306 9.75 10.15 -28.32
C VAL A 306 10.71 11.33 -28.37
N ASP A 307 11.90 11.17 -27.79
CA ASP A 307 12.86 12.27 -27.69
C ASP A 307 13.33 12.71 -29.06
N GLY A 308 13.72 11.76 -29.90
CA GLY A 308 14.35 12.05 -31.18
C GLY A 308 15.72 11.43 -31.35
N ASP A 309 16.27 10.79 -30.31
CA ASP A 309 17.55 10.12 -30.38
C ASP A 309 17.36 8.61 -30.40
N PHE A 310 16.87 8.02 -29.30
CA PHE A 310 16.59 6.60 -29.30
C PHE A 310 15.43 6.26 -30.24
N LEU A 311 14.41 7.11 -30.27
CA LEU A 311 13.29 6.99 -31.19
C LEU A 311 13.29 8.22 -32.08
N SER A 312 13.80 8.07 -33.31
CA SER A 312 13.89 9.21 -34.23
C SER A 312 12.51 9.79 -34.54
N ASP A 313 11.46 8.98 -34.46
CA ASP A 313 10.09 9.44 -34.63
C ASP A 313 9.20 8.63 -33.71
N THR A 314 7.89 8.82 -33.84
CA THR A 314 6.96 8.03 -33.05
C THR A 314 7.03 6.57 -33.47
N PRO A 315 6.75 5.63 -32.55
CA PRO A 315 6.78 4.22 -32.94
C PRO A 315 5.86 3.88 -34.11
N GLU A 316 4.71 4.55 -34.20
CA GLU A 316 3.78 4.26 -35.30
C GLU A 316 4.39 4.60 -36.66
N ALA A 317 5.11 5.73 -36.73
CA ALA A 317 5.71 6.12 -38.01
C ALA A 317 6.83 5.18 -38.43
N LEU A 318 7.68 4.79 -37.49
CA LEU A 318 8.80 3.92 -37.83
C LEU A 318 8.33 2.54 -38.27
N ILE A 319 7.21 2.06 -37.71
CA ILE A 319 6.66 0.78 -38.13
C ILE A 319 6.15 0.86 -39.56
N ASN A 320 5.67 2.03 -39.98
CA ASN A 320 5.10 2.18 -41.31
C ASN A 320 6.14 2.45 -42.39
N ALA A 321 7.31 2.96 -42.01
CA ALA A 321 8.33 3.35 -42.98
C ALA A 321 9.63 2.58 -42.79
N GLY A 322 9.53 1.31 -42.40
CA GLY A 322 10.70 0.49 -42.14
C GLY A 322 10.74 -0.73 -43.04
N ASP A 323 11.95 -1.13 -43.41
CA ASP A 323 12.19 -2.34 -44.18
C ASP A 323 12.51 -3.46 -43.21
N PHE A 324 11.62 -4.47 -43.15
CA PHE A 324 11.76 -5.56 -42.21
C PHE A 324 12.09 -6.88 -42.90
N HIS A 325 12.80 -6.82 -44.03
CA HIS A 325 13.23 -8.03 -44.69
C HIS A 325 14.36 -8.70 -43.92
N GLY A 326 14.39 -10.03 -43.96
CA GLY A 326 15.39 -10.77 -43.22
C GLY A 326 15.18 -10.75 -41.72
N LEU A 327 13.94 -10.63 -41.27
CA LEU A 327 13.62 -10.55 -39.85
C LEU A 327 12.45 -11.48 -39.55
N GLN A 328 12.58 -12.26 -38.48
CA GLN A 328 11.52 -13.17 -38.03
C GLN A 328 10.97 -12.66 -36.71
N VAL A 329 9.64 -12.60 -36.60
CA VAL A 329 8.97 -12.05 -35.44
C VAL A 329 7.86 -12.99 -35.01
N LEU A 330 7.84 -13.34 -33.73
CA LEU A 330 6.73 -14.04 -33.11
C LEU A 330 5.92 -13.06 -32.27
N VAL A 331 4.60 -13.22 -32.27
CA VAL A 331 3.71 -12.23 -31.67
C VAL A 331 2.44 -12.94 -31.23
N GLY A 332 1.87 -12.48 -30.11
CA GLY A 332 0.62 -13.07 -29.65
C GLY A 332 0.09 -12.33 -28.44
N VAL A 333 -1.10 -12.74 -28.02
CA VAL A 333 -1.80 -12.19 -26.87
C VAL A 333 -2.43 -13.34 -26.08
N VAL A 334 -3.06 -13.01 -24.96
CA VAL A 334 -3.79 -13.98 -24.18
C VAL A 334 -5.29 -13.78 -24.40
N LYS A 335 -6.10 -14.67 -23.83
CA LYS A 335 -7.53 -14.65 -24.11
C LYS A 335 -8.22 -13.43 -23.49
N ASP A 336 -7.75 -12.97 -22.33
CA ASP A 336 -8.41 -11.87 -21.61
C ASP A 336 -7.34 -10.88 -21.14
N GLU A 337 -7.00 -9.94 -22.01
CA GLU A 337 -5.95 -8.97 -21.69
C GLU A 337 -6.43 -7.96 -20.65
N GLY A 338 -7.65 -7.45 -20.80
CA GLY A 338 -8.09 -6.35 -19.97
C GLY A 338 -8.68 -6.72 -18.63
N SER A 339 -8.92 -8.01 -18.36
CA SER A 339 -9.59 -8.40 -17.13
C SER A 339 -8.74 -8.11 -15.90
N TYR A 340 -7.42 -8.06 -16.06
CA TYR A 340 -6.53 -7.81 -14.92
C TYR A 340 -6.63 -6.37 -14.45
N PHE A 341 -6.77 -5.43 -15.39
CA PHE A 341 -6.65 -4.01 -15.07
C PHE A 341 -7.93 -3.39 -14.55
N LEU A 342 -9.07 -4.09 -14.64
CA LEU A 342 -10.32 -3.51 -14.19
C LEU A 342 -10.39 -3.36 -12.67
N VAL A 343 -9.69 -4.24 -11.94
CA VAL A 343 -9.72 -4.17 -10.48
C VAL A 343 -9.02 -2.91 -9.98
N TYR A 344 -8.07 -2.38 -10.76
CA TYR A 344 -7.28 -1.22 -10.33
C TYR A 344 -7.88 0.12 -10.80
N GLY A 345 -9.20 0.29 -10.73
CA GLY A 345 -9.76 1.58 -11.07
C GLY A 345 -11.18 1.58 -11.60
N ALA A 346 -11.55 0.53 -12.34
CA ALA A 346 -12.88 0.49 -12.93
C ALA A 346 -13.93 0.41 -11.83
N PRO A 347 -14.98 1.23 -11.89
CA PRO A 347 -15.96 1.25 -10.79
C PRO A 347 -16.79 -0.02 -10.76
N GLY A 348 -16.99 -0.54 -9.55
CA GLY A 348 -17.80 -1.73 -9.38
C GLY A 348 -17.08 -3.03 -9.61
N PHE A 349 -15.75 -3.02 -9.67
CA PHE A 349 -14.96 -4.21 -9.91
C PHE A 349 -14.17 -4.57 -8.66
N SER A 350 -14.35 -5.81 -8.20
CA SER A 350 -13.60 -6.35 -7.08
C SER A 350 -13.13 -7.75 -7.43
N LYS A 351 -11.90 -8.08 -7.03
CA LYS A 351 -11.38 -9.41 -7.31
C LYS A 351 -12.01 -10.49 -6.45
N ASP A 352 -12.82 -10.12 -5.46
CA ASP A 352 -13.39 -11.06 -4.51
C ASP A 352 -14.88 -11.30 -4.72
N ASN A 353 -15.46 -10.79 -5.81
CA ASN A 353 -16.84 -11.09 -6.14
C ASN A 353 -16.93 -11.35 -7.64
N GLU A 354 -18.16 -11.41 -8.15
CA GLU A 354 -18.38 -11.73 -9.55
C GLU A 354 -18.23 -10.52 -10.48
N SER A 355 -18.15 -9.31 -9.93
CA SER A 355 -18.02 -8.09 -10.71
C SER A 355 -19.17 -7.96 -11.73
N LEU A 356 -20.39 -8.22 -11.28
CA LEU A 356 -21.58 -8.08 -12.12
C LEU A 356 -21.98 -6.62 -12.10
N ILE A 357 -21.36 -5.84 -12.99
CA ILE A 357 -21.51 -4.39 -12.96
C ILE A 357 -22.82 -3.98 -13.62
N SER A 358 -23.31 -2.80 -13.23
CA SER A 358 -24.45 -2.19 -13.89
C SER A 358 -24.00 -1.42 -15.13
N ARG A 359 -24.98 -1.00 -15.94
CA ARG A 359 -24.64 -0.25 -17.14
C ARG A 359 -24.09 1.13 -16.80
N ALA A 360 -24.60 1.75 -15.74
CA ALA A 360 -24.04 3.03 -15.31
C ALA A 360 -22.57 2.88 -14.96
N GLU A 361 -22.21 1.80 -14.26
CA GLU A 361 -20.81 1.53 -14.01
C GLU A 361 -20.05 1.20 -15.30
N PHE A 362 -20.73 0.55 -16.25
CA PHE A 362 -20.10 0.28 -17.54
C PHE A 362 -19.87 1.57 -18.31
N LEU A 363 -20.85 2.48 -18.30
CA LEU A 363 -20.66 3.76 -18.99
C LEU A 363 -19.54 4.58 -18.36
N ALA A 364 -19.36 4.47 -17.04
CA ALA A 364 -18.27 5.17 -16.38
C ALA A 364 -16.94 4.47 -16.57
N GLY A 365 -16.95 3.13 -16.68
CA GLY A 365 -15.72 2.40 -16.85
C GLY A 365 -15.03 2.67 -18.18
N VAL A 366 -15.81 2.98 -19.22
CA VAL A 366 -15.21 3.27 -20.51
C VAL A 366 -14.34 4.52 -20.44
N ARG A 367 -14.75 5.51 -19.64
CA ARG A 367 -13.94 6.69 -19.45
C ARG A 367 -12.63 6.38 -18.72
N VAL A 368 -12.66 5.43 -17.79
CA VAL A 368 -11.44 5.02 -17.12
C VAL A 368 -10.58 4.17 -18.04
N GLY A 369 -11.20 3.19 -18.71
CA GLY A 369 -10.44 2.35 -19.62
C GLY A 369 -9.92 3.08 -20.84
N VAL A 370 -10.65 4.10 -21.30
CA VAL A 370 -10.23 4.91 -22.44
C VAL A 370 -10.09 6.35 -21.97
N PRO A 371 -8.98 6.71 -21.32
CA PRO A 371 -8.84 8.08 -20.80
C PRO A 371 -8.44 9.07 -21.88
N GLN A 372 -8.72 10.34 -21.61
CA GLN A 372 -8.41 11.46 -22.50
C GLN A 372 -8.94 11.22 -23.91
N VAL A 373 -10.27 11.35 -24.01
CA VAL A 373 -10.95 11.18 -25.29
C VAL A 373 -12.28 11.90 -25.20
N SER A 374 -12.77 12.36 -26.35
CA SER A 374 -13.97 13.19 -26.38
C SER A 374 -15.21 12.39 -25.99
N ASP A 375 -16.27 13.13 -25.64
CA ASP A 375 -17.52 12.48 -25.22
C ASP A 375 -18.18 11.76 -26.38
N LEU A 376 -18.07 12.30 -27.59
CA LEU A 376 -18.60 11.61 -28.76
C LEU A 376 -17.85 10.31 -29.02
N ALA A 377 -16.54 10.32 -28.82
CA ALA A 377 -15.75 9.11 -29.02
C ALA A 377 -16.11 8.03 -28.01
N ALA A 378 -16.45 8.42 -26.78
CA ALA A 378 -16.93 7.45 -25.81
C ALA A 378 -18.24 6.81 -26.27
N GLU A 379 -19.12 7.61 -26.86
CA GLU A 379 -20.36 7.07 -27.41
C GLU A 379 -20.10 6.05 -28.51
N ALA A 380 -19.03 6.25 -29.28
CA ALA A 380 -18.68 5.27 -30.31
C ALA A 380 -18.12 3.98 -29.71
N VAL A 381 -17.39 4.09 -28.60
CA VAL A 381 -16.87 2.90 -27.93
C VAL A 381 -18.01 2.15 -27.25
N VAL A 382 -18.98 2.87 -26.70
CA VAL A 382 -20.11 2.23 -26.04
C VAL A 382 -20.92 1.46 -27.07
N LEU A 383 -21.04 2.01 -28.28
CA LEU A 383 -21.81 1.35 -29.34
C LEU A 383 -21.21 -0.03 -29.65
N HIS A 384 -19.95 -0.05 -30.09
CA HIS A 384 -19.36 -1.28 -30.63
C HIS A 384 -19.26 -2.41 -29.60
N TYR A 385 -19.14 -2.07 -28.32
CA TYR A 385 -18.96 -3.07 -27.27
C TYR A 385 -20.22 -3.27 -26.44
N THR A 386 -21.39 -3.09 -27.03
CA THR A 386 -22.66 -3.30 -26.34
C THR A 386 -23.53 -4.21 -27.20
N ASP A 387 -23.95 -5.34 -26.62
CA ASP A 387 -24.95 -6.19 -27.23
C ASP A 387 -26.31 -5.56 -27.01
N TRP A 388 -26.91 -5.03 -28.07
CA TRP A 388 -28.15 -4.27 -27.94
C TRP A 388 -29.38 -5.16 -27.79
N LEU A 389 -29.23 -6.48 -27.88
CA LEU A 389 -30.31 -7.36 -27.47
C LEU A 389 -30.37 -7.51 -25.95
N HIS A 390 -29.22 -7.39 -25.28
CA HIS A 390 -29.14 -7.44 -23.83
C HIS A 390 -28.22 -6.31 -23.36
N PRO A 391 -28.69 -5.06 -23.44
CA PRO A 391 -27.80 -3.92 -23.18
C PRO A 391 -27.46 -3.71 -21.72
N GLU A 392 -28.11 -4.42 -20.79
CA GLU A 392 -27.84 -4.22 -19.37
C GLU A 392 -27.59 -5.53 -18.64
N ASP A 393 -27.17 -6.57 -19.34
CA ASP A 393 -26.80 -7.82 -18.70
C ASP A 393 -25.45 -7.64 -18.01
N PRO A 394 -25.37 -7.74 -16.68
CA PRO A 394 -24.08 -7.51 -16.01
C PRO A 394 -22.97 -8.43 -16.48
N ALA A 395 -23.28 -9.71 -16.73
CA ALA A 395 -22.25 -10.64 -17.15
C ALA A 395 -21.65 -10.24 -18.50
N ARG A 396 -22.49 -9.72 -19.41
CA ARG A 396 -21.98 -9.29 -20.71
C ARG A 396 -21.29 -7.93 -20.62
N LEU A 397 -21.81 -7.02 -19.80
CA LEU A 397 -21.15 -5.73 -19.60
C LEU A 397 -19.78 -5.91 -18.97
N ARG A 398 -19.62 -6.92 -18.12
CA ARG A 398 -18.34 -7.16 -17.46
C ARG A 398 -17.26 -7.48 -18.48
N GLU A 399 -17.47 -8.53 -19.28
CA GLU A 399 -16.49 -8.92 -20.29
C GLU A 399 -16.47 -7.99 -21.49
N ALA A 400 -17.47 -7.11 -21.63
CA ALA A 400 -17.41 -6.09 -22.67
C ALA A 400 -16.34 -5.05 -22.33
N LEU A 401 -16.34 -4.57 -21.08
CA LEU A 401 -15.32 -3.62 -20.66
C LEU A 401 -13.94 -4.27 -20.60
N SER A 402 -13.87 -5.57 -20.30
CA SER A 402 -12.61 -6.28 -20.39
C SER A 402 -12.08 -6.29 -21.81
N ASP A 403 -12.97 -6.46 -22.80
CA ASP A 403 -12.56 -6.38 -24.19
C ASP A 403 -12.15 -4.97 -24.58
N VAL A 404 -12.79 -3.96 -23.99
CA VAL A 404 -12.44 -2.57 -24.29
C VAL A 404 -11.00 -2.29 -23.90
N VAL A 405 -10.64 -2.61 -22.65
CA VAL A 405 -9.28 -2.36 -22.19
C VAL A 405 -8.29 -3.27 -22.90
N GLY A 406 -8.70 -4.51 -23.18
CA GLY A 406 -7.80 -5.46 -23.83
C GLY A 406 -7.50 -5.07 -25.27
N ASP A 407 -8.54 -4.76 -26.04
CA ASP A 407 -8.33 -4.42 -27.45
C ASP A 407 -7.63 -3.08 -27.60
N HIS A 408 -7.99 -2.10 -26.76
CA HIS A 408 -7.44 -0.75 -26.91
C HIS A 408 -5.95 -0.71 -26.65
N ASN A 409 -5.48 -1.44 -25.63
CA ASN A 409 -4.10 -1.35 -25.20
C ASN A 409 -3.20 -2.44 -25.76
N VAL A 410 -3.70 -3.66 -25.94
CA VAL A 410 -2.84 -4.78 -26.28
C VAL A 410 -3.22 -5.39 -27.62
N VAL A 411 -4.45 -5.90 -27.72
CA VAL A 411 -4.82 -6.77 -28.85
C VAL A 411 -4.71 -6.03 -30.17
N CYS A 412 -5.32 -4.85 -30.26
CA CYS A 412 -5.32 -4.14 -31.53
C CYS A 412 -3.98 -3.45 -31.83
N PRO A 413 -3.30 -2.84 -30.86
CA PRO A 413 -1.94 -2.36 -31.14
C PRO A 413 -0.99 -3.46 -31.58
N VAL A 414 -1.22 -4.70 -31.13
CA VAL A 414 -0.37 -5.82 -31.54
C VAL A 414 -0.74 -6.28 -32.94
N ALA A 415 -2.05 -6.42 -33.22
CA ALA A 415 -2.48 -6.84 -34.55
C ALA A 415 -2.11 -5.80 -35.61
N GLN A 416 -2.16 -4.51 -35.25
CA GLN A 416 -1.70 -3.46 -36.16
C GLN A 416 -0.23 -3.65 -36.51
N LEU A 417 0.60 -3.95 -35.51
CA LEU A 417 2.03 -4.13 -35.75
C LEU A 417 2.30 -5.41 -36.53
N ALA A 418 1.59 -6.50 -36.21
CA ALA A 418 1.87 -7.78 -36.85
C ALA A 418 1.57 -7.74 -38.34
N GLY A 419 0.46 -7.10 -38.72
CA GLY A 419 0.11 -7.04 -40.13
C GLY A 419 1.07 -6.20 -40.94
N ARG A 420 1.49 -5.06 -40.40
CA ARG A 420 2.39 -4.19 -41.14
C ARG A 420 3.79 -4.78 -41.26
N LEU A 421 4.18 -5.66 -40.33
CA LEU A 421 5.48 -6.29 -40.44
C LEU A 421 5.51 -7.32 -41.56
N ALA A 422 4.47 -8.17 -41.63
CA ALA A 422 4.44 -9.21 -42.65
C ALA A 422 4.32 -8.61 -44.05
N ALA A 423 3.52 -7.57 -44.21
CA ALA A 423 3.34 -6.94 -45.50
C ALA A 423 4.57 -6.14 -45.95
N GLN A 424 5.58 -6.00 -45.10
CA GLN A 424 6.77 -5.23 -45.42
C GLN A 424 8.04 -6.07 -45.33
N GLY A 425 7.94 -7.40 -45.42
CA GLY A 425 9.08 -8.27 -45.59
C GLY A 425 9.38 -9.19 -44.42
N ALA A 426 8.73 -9.01 -43.28
CA ALA A 426 9.05 -9.78 -42.09
C ALA A 426 8.25 -11.08 -42.03
N ARG A 427 8.91 -12.14 -41.56
CA ARG A 427 8.23 -13.40 -41.29
C ARG A 427 7.57 -13.30 -39.92
N VAL A 428 6.26 -13.48 -39.87
CA VAL A 428 5.48 -13.24 -38.67
C VAL A 428 4.63 -14.47 -38.36
N TYR A 429 4.63 -14.90 -37.10
CA TYR A 429 3.74 -15.93 -36.61
C TYR A 429 2.91 -15.35 -35.46
N ALA A 430 1.64 -15.75 -35.40
CA ALA A 430 0.72 -15.21 -34.42
C ALA A 430 0.08 -16.32 -33.61
N TYR A 431 -0.19 -16.04 -32.33
CA TYR A 431 -0.82 -17.00 -31.43
C TYR A 431 -1.81 -16.28 -30.52
N VAL A 432 -2.72 -17.06 -29.95
CA VAL A 432 -3.64 -16.59 -28.92
C VAL A 432 -3.63 -17.62 -27.81
N PHE A 433 -3.09 -17.26 -26.65
CA PHE A 433 -2.99 -18.17 -25.52
C PHE A 433 -4.35 -18.28 -24.84
N GLU A 434 -4.90 -19.49 -24.76
CA GLU A 434 -6.25 -19.69 -24.25
C GLU A 434 -6.29 -20.74 -23.13
N HIS A 435 -5.21 -20.89 -22.38
CA HIS A 435 -5.16 -21.84 -21.27
C HIS A 435 -5.06 -21.08 -19.95
N ARG A 436 -5.98 -21.39 -19.04
CA ARG A 436 -5.94 -20.86 -17.68
C ARG A 436 -5.27 -21.88 -16.78
N ALA A 437 -4.22 -21.46 -16.07
CA ALA A 437 -3.48 -22.38 -15.22
C ALA A 437 -4.36 -22.92 -14.11
N SER A 438 -4.14 -24.19 -13.75
CA SER A 438 -4.95 -24.81 -12.71
C SER A 438 -4.68 -24.20 -11.34
N THR A 439 -3.48 -23.66 -11.13
CA THR A 439 -3.10 -23.05 -9.87
C THR A 439 -3.27 -21.55 -9.87
N LEU A 440 -4.15 -21.02 -10.72
CA LEU A 440 -4.35 -19.58 -10.80
C LEU A 440 -5.16 -19.10 -9.60
N SER A 441 -4.66 -18.05 -8.95
CA SER A 441 -5.28 -17.50 -7.76
C SER A 441 -6.25 -16.36 -8.04
N TRP A 442 -6.22 -15.79 -9.24
CA TRP A 442 -7.18 -14.76 -9.61
C TRP A 442 -8.58 -15.37 -9.74
N PRO A 443 -9.63 -14.56 -9.62
CA PRO A 443 -10.99 -15.09 -9.73
C PRO A 443 -11.24 -15.69 -11.11
N LEU A 444 -12.34 -16.44 -11.20
CA LEU A 444 -12.63 -17.20 -12.41
C LEU A 444 -13.01 -16.28 -13.57
N TRP A 445 -13.79 -15.23 -13.30
CA TRP A 445 -14.32 -14.40 -14.37
C TRP A 445 -13.25 -13.64 -15.15
N MET A 446 -12.02 -13.58 -14.64
CA MET A 446 -10.95 -12.92 -15.38
C MET A 446 -10.41 -13.77 -16.53
N GLY A 447 -10.73 -15.06 -16.56
CA GLY A 447 -10.24 -15.94 -17.60
C GLY A 447 -8.74 -16.13 -17.57
N VAL A 448 -8.05 -15.67 -18.61
CA VAL A 448 -6.59 -15.75 -18.67
C VAL A 448 -6.05 -14.32 -18.55
N PRO A 449 -5.63 -13.90 -17.36
CA PRO A 449 -5.23 -12.49 -17.17
C PRO A 449 -3.98 -12.11 -17.95
N HIS A 450 -3.55 -10.86 -17.76
CA HIS A 450 -2.39 -10.33 -18.48
C HIS A 450 -1.11 -10.86 -17.86
N GLY A 451 -0.34 -11.61 -18.63
CA GLY A 451 0.96 -12.08 -18.19
C GLY A 451 1.00 -13.48 -17.63
N TYR A 452 -0.10 -14.23 -17.70
CA TYR A 452 -0.15 -15.58 -17.14
C TYR A 452 0.09 -16.65 -18.19
N GLU A 453 0.85 -16.33 -19.22
CA GLU A 453 1.45 -17.34 -20.10
C GLU A 453 2.96 -17.44 -19.90
N ILE A 454 3.55 -16.50 -19.15
CA ILE A 454 4.99 -16.49 -18.96
C ILE A 454 5.45 -17.74 -18.22
N GLU A 455 4.67 -18.19 -17.24
CA GLU A 455 5.06 -19.36 -16.45
C GLU A 455 5.13 -20.63 -17.31
N PHE A 456 4.36 -20.68 -18.39
CA PHE A 456 4.42 -21.85 -19.27
C PHE A 456 5.55 -21.75 -20.28
N ILE A 457 5.97 -20.53 -20.65
CA ILE A 457 7.08 -20.37 -21.57
C ILE A 457 8.39 -20.80 -20.91
N PHE A 458 8.56 -20.48 -19.63
CA PHE A 458 9.78 -20.80 -18.89
C PHE A 458 9.74 -22.19 -18.27
N GLY A 459 8.69 -22.97 -18.55
CA GLY A 459 8.63 -24.34 -18.05
C GLY A 459 8.46 -24.46 -16.55
N ILE A 460 7.78 -23.50 -15.91
CA ILE A 460 7.58 -23.57 -14.47
C ILE A 460 6.82 -24.83 -14.04
N PRO A 461 5.82 -25.33 -14.78
CA PRO A 461 5.15 -26.56 -14.34
C PRO A 461 6.06 -27.77 -14.16
N LEU A 462 7.31 -27.72 -14.64
CA LEU A 462 8.23 -28.82 -14.41
C LEU A 462 8.80 -28.85 -13.00
N ASP A 463 8.67 -27.76 -12.26
CA ASP A 463 9.15 -27.70 -10.89
C ASP A 463 8.36 -28.69 -10.03
N PRO A 464 9.02 -29.69 -9.43
CA PRO A 464 8.27 -30.69 -8.66
C PRO A 464 7.60 -30.14 -7.41
N SER A 465 8.07 -29.02 -6.88
CA SER A 465 7.47 -28.41 -5.70
C SER A 465 6.15 -27.71 -6.00
N ARG A 466 5.75 -27.63 -7.26
CA ARG A 466 4.49 -26.99 -7.66
C ARG A 466 3.42 -28.05 -7.89
N ASN A 467 2.16 -27.60 -7.84
CA ASN A 467 1.04 -28.52 -7.94
C ASN A 467 0.35 -28.41 -9.29
N TYR A 468 1.11 -28.53 -10.37
CA TYR A 468 0.54 -28.53 -11.71
C TYR A 468 0.07 -29.93 -12.09
N THR A 469 -0.81 -29.99 -13.09
CA THR A 469 -1.30 -31.26 -13.57
C THR A 469 -0.33 -31.87 -14.58
N ALA A 470 -0.45 -33.18 -14.77
CA ALA A 470 0.40 -33.87 -15.74
C ALA A 470 0.14 -33.38 -17.15
N GLU A 471 -1.07 -32.90 -17.43
CA GLU A 471 -1.36 -32.34 -18.75
C GLU A 471 -0.64 -31.02 -18.96
N GLU A 472 -0.51 -30.21 -17.91
CA GLU A 472 0.17 -28.93 -18.04
C GLU A 472 1.67 -29.10 -18.18
N LYS A 473 2.23 -30.18 -17.65
CA LYS A 473 3.66 -30.43 -17.82
C LYS A 473 3.97 -30.75 -19.28
N ILE A 474 3.16 -31.60 -19.92
CA ILE A 474 3.36 -31.88 -21.33
C ILE A 474 3.06 -30.64 -22.16
N PHE A 475 2.06 -29.85 -21.76
CA PHE A 475 1.71 -28.64 -22.49
C PHE A 475 2.84 -27.62 -22.44
N ALA A 476 3.54 -27.54 -21.30
CA ALA A 476 4.65 -26.59 -21.18
C ALA A 476 5.82 -26.96 -22.08
N GLN A 477 6.04 -28.26 -22.27
CA GLN A 477 7.15 -28.69 -23.12
C GLN A 477 6.89 -28.38 -24.59
N ARG A 478 5.62 -28.44 -25.02
CA ARG A 478 5.27 -28.03 -26.38
C ARG A 478 5.60 -26.56 -26.59
N LEU A 479 5.21 -25.71 -25.64
CA LEU A 479 5.46 -24.28 -25.77
C LEU A 479 6.96 -23.97 -25.74
N MET A 480 7.71 -24.66 -24.88
CA MET A 480 9.15 -24.42 -24.82
C MET A 480 9.82 -24.80 -26.14
N ARG A 481 9.32 -25.85 -26.79
CA ARG A 481 9.87 -26.22 -28.10
C ARG A 481 9.39 -25.26 -29.18
N TYR A 482 8.18 -24.71 -29.05
CA TYR A 482 7.72 -23.68 -29.97
C TYR A 482 8.65 -22.46 -29.92
N TRP A 483 8.94 -21.99 -28.71
CA TRP A 483 9.79 -20.80 -28.57
C TRP A 483 11.24 -21.10 -28.92
N ALA A 484 11.72 -22.29 -28.58
CA ALA A 484 13.12 -22.62 -28.86
C ALA A 484 13.36 -22.83 -30.35
N ASN A 485 12.41 -23.48 -31.05
CA ASN A 485 12.54 -23.64 -32.49
C ASN A 485 12.60 -22.29 -33.18
N PHE A 486 11.78 -21.33 -32.75
CA PHE A 486 11.86 -19.98 -33.29
C PHE A 486 13.22 -19.35 -33.01
N ALA A 487 13.80 -19.66 -31.85
CA ALA A 487 15.11 -19.10 -31.52
C ALA A 487 16.21 -19.67 -32.41
N ARG A 488 16.04 -20.91 -32.87
CA ARG A 488 17.07 -21.58 -33.68
C ARG A 488 16.89 -21.27 -35.17
N THR A 489 15.75 -21.68 -35.74
CA THR A 489 15.53 -21.56 -37.18
C THR A 489 14.56 -20.45 -37.56
N GLY A 490 13.99 -19.74 -36.59
CA GLY A 490 13.00 -18.74 -36.93
C GLY A 490 11.68 -19.30 -37.37
N ASP A 491 11.42 -20.58 -37.12
CA ASP A 491 10.18 -21.24 -37.48
C ASP A 491 9.70 -22.09 -36.31
N PRO A 492 8.57 -21.76 -35.69
CA PRO A 492 8.11 -22.55 -34.54
C PRO A 492 7.76 -23.99 -34.91
N ASN A 493 7.39 -24.25 -36.16
CA ASN A 493 7.10 -25.61 -36.56
C ASN A 493 8.37 -26.46 -36.48
N GLU A 494 8.17 -27.74 -36.18
CA GLU A 494 9.28 -28.66 -36.08
C GLU A 494 10.01 -28.72 -37.43
N PRO A 495 11.35 -28.77 -37.43
CA PRO A 495 12.09 -28.73 -38.70
C PRO A 495 11.76 -29.87 -39.65
N ARG A 496 11.45 -31.04 -39.13
CA ARG A 496 11.13 -32.18 -39.98
C ARG A 496 9.79 -32.82 -39.64
N ASP A 497 9.43 -32.91 -38.36
CA ASP A 497 8.25 -33.59 -37.85
C ASP A 497 6.98 -33.11 -38.55
N PRO A 498 6.30 -33.97 -39.32
CA PRO A 498 5.06 -33.57 -39.97
C PRO A 498 3.81 -34.05 -39.24
N LYS A 499 4.01 -34.86 -38.20
CA LYS A 499 2.88 -35.41 -37.45
C LYS A 499 2.12 -34.31 -36.71
N ALA A 500 2.83 -33.34 -36.15
CA ALA A 500 2.18 -32.26 -35.44
C ALA A 500 1.54 -31.28 -36.44
N PRO A 501 0.44 -30.63 -36.06
CA PRO A 501 -0.18 -29.65 -36.95
C PRO A 501 0.76 -28.50 -37.25
N GLN A 502 0.50 -27.83 -38.38
CA GLN A 502 1.36 -26.75 -38.85
C GLN A 502 0.92 -25.40 -38.32
N TRP A 503 1.89 -24.51 -38.13
CA TRP A 503 1.67 -23.14 -37.67
C TRP A 503 1.90 -22.20 -38.85
N PRO A 504 0.86 -21.85 -39.60
CA PRO A 504 1.06 -21.01 -40.79
C PRO A 504 1.42 -19.59 -40.40
N PRO A 505 2.29 -18.94 -41.18
CA PRO A 505 2.65 -17.55 -40.86
C PRO A 505 1.47 -16.61 -40.96
N TYR A 506 1.51 -15.56 -40.15
CA TYR A 506 0.48 -14.52 -40.17
C TYR A 506 0.79 -13.54 -41.29
N THR A 507 -0.07 -13.50 -42.30
CA THR A 507 0.07 -12.60 -43.42
C THR A 507 -0.94 -11.46 -43.31
N ALA A 508 -0.67 -10.38 -44.05
CA ALA A 508 -1.53 -9.20 -43.97
C ALA A 508 -2.93 -9.50 -44.50
N GLY A 509 -3.06 -10.44 -45.42
CA GLY A 509 -4.36 -10.76 -46.00
C GLY A 509 -5.09 -11.88 -45.30
N ALA A 510 -4.43 -13.04 -45.17
CA ALA A 510 -5.07 -14.18 -44.55
C ALA A 510 -5.28 -13.96 -43.06
N GLN A 511 -4.28 -13.41 -42.37
CA GLN A 511 -4.34 -13.12 -40.94
C GLN A 511 -4.61 -14.39 -40.13
N GLN A 512 -3.71 -15.36 -40.28
CA GLN A 512 -3.85 -16.66 -39.65
C GLN A 512 -3.06 -16.71 -38.34
N TYR A 513 -3.71 -17.25 -37.30
CA TYR A 513 -3.06 -17.46 -36.02
C TYR A 513 -3.49 -18.82 -35.47
N VAL A 514 -2.85 -19.23 -34.37
CA VAL A 514 -3.11 -20.53 -33.77
C VAL A 514 -3.54 -20.34 -32.32
N SER A 515 -4.17 -21.38 -31.77
CA SER A 515 -4.63 -21.40 -30.39
C SER A 515 -3.72 -22.31 -29.58
N LEU A 516 -3.02 -21.73 -28.61
CA LEU A 516 -2.11 -22.47 -27.75
C LEU A 516 -2.85 -22.89 -26.49
N ASP A 517 -3.16 -24.18 -26.39
CA ASP A 517 -3.80 -24.75 -25.21
C ASP A 517 -3.55 -26.26 -25.21
N LEU A 518 -4.26 -26.98 -24.34
CA LEU A 518 -4.00 -28.41 -24.19
C LEU A 518 -4.30 -29.18 -25.47
N ARG A 519 -5.31 -28.75 -26.23
CA ARG A 519 -5.62 -29.39 -27.49
C ARG A 519 -4.55 -29.05 -28.53
N PRO A 520 -4.46 -29.84 -29.61
CA PRO A 520 -3.50 -29.52 -30.67
C PRO A 520 -3.79 -28.16 -31.30
N LEU A 521 -2.86 -27.74 -32.17
CA LEU A 521 -2.96 -26.42 -32.78
C LEU A 521 -4.21 -26.30 -33.64
N GLU A 522 -4.86 -25.15 -33.55
CA GLU A 522 -6.07 -24.85 -34.32
C GLU A 522 -5.88 -23.51 -35.02
N VAL A 523 -5.89 -23.51 -36.34
CA VAL A 523 -5.66 -22.30 -37.11
C VAL A 523 -6.95 -21.50 -37.17
N ARG A 524 -6.83 -20.18 -36.94
CA ARG A 524 -7.95 -19.27 -37.02
C ARG A 524 -7.55 -18.05 -37.83
N ARG A 525 -8.55 -17.27 -38.25
CA ARG A 525 -8.34 -16.10 -39.08
C ARG A 525 -8.96 -14.88 -38.41
N GLY A 526 -8.15 -13.86 -38.18
CA GLY A 526 -8.63 -12.61 -37.63
C GLY A 526 -8.34 -12.39 -36.17
N LEU A 527 -7.36 -11.53 -35.86
CA LEU A 527 -7.05 -11.13 -34.49
C LEU A 527 -8.03 -10.02 -34.07
N ARG A 528 -9.28 -10.41 -33.90
CA ARG A 528 -10.38 -9.48 -33.62
C ARG A 528 -10.41 -8.38 -34.68
N ALA A 529 -10.60 -8.82 -35.93
CA ALA A 529 -10.49 -7.90 -37.06
C ALA A 529 -11.59 -6.84 -37.03
N GLN A 530 -12.81 -7.24 -36.67
CA GLN A 530 -13.91 -6.28 -36.64
C GLN A 530 -13.72 -5.25 -35.55
N ALA A 531 -13.31 -5.69 -34.36
CA ALA A 531 -13.13 -4.76 -33.25
C ALA A 531 -11.91 -3.87 -33.48
N CYS A 532 -10.83 -4.43 -34.01
CA CYS A 532 -9.61 -3.65 -34.14
C CYS A 532 -9.66 -2.68 -35.31
N ALA A 533 -10.54 -2.90 -36.29
CA ALA A 533 -10.73 -1.90 -37.33
C ALA A 533 -11.35 -0.62 -36.78
N PHE A 534 -12.11 -0.73 -35.69
CA PHE A 534 -12.65 0.46 -35.04
C PHE A 534 -11.54 1.26 -34.37
N TRP A 535 -10.59 0.57 -33.73
CA TRP A 535 -9.51 1.28 -33.02
C TRP A 535 -8.44 1.79 -33.98
N ASN A 536 -8.09 1.00 -34.99
CA ASN A 536 -6.95 1.35 -35.83
C ASN A 536 -7.33 2.28 -36.97
N ARG A 537 -8.59 2.27 -37.41
CA ARG A 537 -8.99 3.00 -38.59
C ARG A 537 -9.95 4.15 -38.29
N PHE A 538 -11.13 3.86 -37.74
CA PHE A 538 -12.16 4.89 -37.66
C PHE A 538 -11.87 5.91 -36.57
N LEU A 539 -11.57 5.44 -35.36
CA LEU A 539 -11.41 6.36 -34.24
C LEU A 539 -10.30 7.39 -34.44
N PRO A 540 -9.15 7.08 -35.04
CA PRO A 540 -8.20 8.17 -35.36
C PRO A 540 -8.81 9.25 -36.23
N LYS A 541 -9.62 8.88 -37.22
CA LYS A 541 -10.30 9.87 -38.03
C LYS A 541 -11.39 10.61 -37.25
N LEU A 542 -11.89 10.00 -36.17
CA LEU A 542 -12.89 10.64 -35.33
C LEU A 542 -12.28 11.65 -34.36
N LEU A 543 -10.98 11.55 -34.09
CA LEU A 543 -10.31 12.48 -33.18
C LEU A 543 -9.75 13.70 -33.88
N SER A 544 -9.49 13.64 -35.18
CA SER A 544 -9.07 14.82 -35.92
C SER A 544 -10.21 15.81 -36.09
N ALA A 545 -11.44 15.32 -36.27
CA ALA A 545 -12.63 16.15 -36.30
C ALA A 545 -13.30 16.06 -34.92
N THR A 546 -12.76 16.84 -33.98
CA THR A 546 -13.21 16.81 -32.60
C THR A 546 -14.66 17.26 -32.46
N GLU B 7 17.69 -17.74 40.70
CA GLU B 7 16.33 -17.66 40.19
C GLU B 7 15.54 -16.55 40.88
N ASP B 8 15.10 -15.56 40.11
CA ASP B 8 14.30 -14.47 40.62
C ASP B 8 12.86 -14.94 40.75
N ALA B 9 12.37 -15.03 41.99
CA ALA B 9 11.02 -15.51 42.26
C ALA B 9 9.95 -14.45 42.02
N GLU B 10 10.32 -13.26 41.54
CA GLU B 10 9.35 -12.20 41.30
C GLU B 10 8.74 -12.25 39.90
N LEU B 11 9.23 -13.14 39.03
CA LEU B 11 8.74 -13.23 37.67
C LEU B 11 7.76 -14.36 37.46
N LEU B 12 7.34 -15.04 38.53
CA LEU B 12 6.34 -16.10 38.46
C LEU B 12 5.16 -15.70 39.34
N VAL B 13 4.02 -15.42 38.71
CA VAL B 13 2.82 -14.96 39.39
C VAL B 13 1.65 -15.84 38.99
N THR B 14 0.80 -16.15 39.95
CA THR B 14 -0.40 -16.94 39.71
C THR B 14 -1.62 -16.04 39.68
N VAL B 15 -2.41 -16.16 38.62
CA VAL B 15 -3.66 -15.42 38.50
C VAL B 15 -4.82 -16.40 38.59
N ARG B 16 -6.04 -15.92 38.42
CA ARG B 16 -7.21 -16.80 38.51
C ARG B 16 -7.23 -17.84 37.40
N GLY B 17 -6.54 -17.60 36.29
CA GLY B 17 -6.50 -18.55 35.21
C GLY B 17 -5.40 -19.58 35.36
N GLY B 18 -4.24 -19.15 35.83
CA GLY B 18 -3.12 -20.06 36.00
C GLY B 18 -1.87 -19.32 36.41
N ARG B 19 -0.73 -19.93 36.12
CA ARG B 19 0.57 -19.37 36.46
C ARG B 19 1.20 -18.72 35.24
N LEU B 20 1.99 -17.68 35.49
CA LEU B 20 2.62 -16.90 34.43
C LEU B 20 4.13 -16.83 34.67
N ARG B 21 4.86 -16.41 33.64
CA ARG B 21 6.30 -16.22 33.71
C ARG B 21 6.64 -14.92 32.99
N GLY B 22 7.11 -13.93 33.74
CA GLY B 22 7.43 -12.62 33.19
C GLY B 22 8.89 -12.50 32.78
N ILE B 23 9.27 -11.27 32.46
CA ILE B 23 10.64 -10.96 32.06
C ILE B 23 11.06 -9.66 32.73
N ARG B 24 12.35 -9.58 33.07
CA ARG B 24 12.92 -8.36 33.61
C ARG B 24 13.47 -7.50 32.48
N LEU B 25 13.06 -6.24 32.44
CA LEU B 25 13.53 -5.28 31.45
C LEU B 25 14.28 -4.16 32.17
N LYS B 26 15.38 -3.71 31.57
CA LYS B 26 16.26 -2.75 32.21
C LYS B 26 15.98 -1.33 31.71
N THR B 27 15.85 -0.41 32.64
CA THR B 27 15.84 1.02 32.39
C THR B 27 17.11 1.64 32.98
N PRO B 28 17.52 2.81 32.48
CA PRO B 28 18.73 3.44 33.04
C PRO B 28 18.67 3.67 34.54
N GLY B 29 17.48 3.71 35.13
CA GLY B 29 17.33 3.91 36.55
C GLY B 29 17.02 2.66 37.35
N GLY B 30 16.89 1.51 36.70
CA GLY B 30 16.62 0.28 37.41
C GLY B 30 15.77 -0.67 36.59
N PRO B 31 15.64 -1.91 37.07
CA PRO B 31 14.85 -2.91 36.33
C PRO B 31 13.36 -2.78 36.64
N VAL B 32 12.57 -3.48 35.83
CA VAL B 32 11.11 -3.49 35.98
C VAL B 32 10.59 -4.82 35.49
N SER B 33 9.65 -5.41 36.22
CA SER B 33 9.06 -6.68 35.87
C SER B 33 7.89 -6.47 34.91
N ALA B 34 7.85 -7.29 33.86
CA ALA B 34 6.81 -7.19 32.84
C ALA B 34 6.26 -8.57 32.51
N PHE B 35 4.96 -8.64 32.27
CA PHE B 35 4.28 -9.88 31.89
C PHE B 35 3.53 -9.59 30.60
N LEU B 36 4.11 -9.96 29.46
CA LEU B 36 3.62 -9.59 28.15
C LEU B 36 2.94 -10.78 27.48
N GLY B 37 1.66 -10.64 27.19
CA GLY B 37 0.93 -11.64 26.45
C GLY B 37 -0.03 -12.48 27.25
N ILE B 38 -0.61 -11.93 28.32
CA ILE B 38 -1.55 -12.67 29.16
C ILE B 38 -2.88 -12.80 28.44
N PRO B 39 -3.35 -14.00 28.15
CA PRO B 39 -4.66 -14.16 27.49
C PRO B 39 -5.79 -13.89 28.48
N PHE B 40 -6.67 -12.97 28.09
CA PHE B 40 -7.83 -12.63 28.91
C PHE B 40 -9.15 -13.03 28.25
N ALA B 41 -9.10 -13.75 27.14
CA ALA B 41 -10.32 -14.17 26.45
C ALA B 41 -9.99 -15.32 25.51
N GLU B 42 -10.99 -16.15 25.27
CA GLU B 42 -10.85 -17.19 24.26
C GLU B 42 -10.69 -16.53 22.89
N PRO B 43 -9.86 -17.08 22.01
CA PRO B 43 -9.63 -16.47 20.71
C PRO B 43 -10.91 -16.39 19.89
N PRO B 44 -11.30 -15.19 19.45
CA PRO B 44 -12.52 -15.02 18.64
C PRO B 44 -12.33 -15.40 17.18
N MET B 45 -12.31 -16.71 16.92
CA MET B 45 -12.11 -17.23 15.57
C MET B 45 -13.31 -18.10 15.18
N GLY B 46 -13.42 -18.35 13.87
CA GLY B 46 -14.46 -19.19 13.33
C GLY B 46 -15.84 -18.66 13.63
N PRO B 47 -16.62 -19.44 14.40
CA PRO B 47 -17.97 -18.99 14.77
C PRO B 47 -17.98 -17.84 15.76
N ARG B 48 -16.84 -17.43 16.29
CA ARG B 48 -16.77 -16.33 17.24
C ARG B 48 -16.47 -14.99 16.57
N ARG B 49 -16.29 -14.96 15.25
CA ARG B 49 -16.05 -13.69 14.57
C ARG B 49 -17.28 -12.80 14.68
N PHE B 50 -17.04 -11.52 14.98
CA PHE B 50 -18.04 -10.47 15.19
C PHE B 50 -18.83 -10.63 16.48
N LEU B 51 -18.54 -11.65 17.28
CA LEU B 51 -19.29 -11.92 18.50
C LEU B 51 -18.57 -11.32 19.71
N PRO B 52 -19.31 -11.01 20.78
CA PRO B 52 -18.67 -10.50 21.97
C PRO B 52 -17.70 -11.51 22.55
N PRO B 53 -16.69 -11.07 23.30
CA PRO B 53 -15.71 -12.01 23.83
C PRO B 53 -16.21 -12.78 25.03
N GLU B 54 -15.64 -13.96 25.23
CA GLU B 54 -15.87 -14.79 26.39
C GLU B 54 -14.58 -14.99 27.17
N PRO B 55 -14.64 -15.07 28.49
CA PRO B 55 -13.41 -15.09 29.30
C PRO B 55 -12.55 -16.30 28.98
N LYS B 56 -11.24 -16.11 29.10
CA LYS B 56 -10.28 -17.17 28.88
C LYS B 56 -10.45 -18.25 29.93
N GLN B 57 -10.66 -19.49 29.49
CA GLN B 57 -10.74 -20.61 30.42
C GLN B 57 -9.39 -20.84 31.09
N PRO B 58 -9.39 -21.32 32.34
CA PRO B 58 -8.12 -21.54 33.03
C PRO B 58 -7.26 -22.57 32.32
N TRP B 59 -5.95 -22.38 32.41
CA TRP B 59 -4.98 -23.22 31.73
C TRP B 59 -4.16 -24.00 32.75
N SER B 60 -3.35 -24.92 32.22
CA SER B 60 -2.48 -25.75 33.04
C SER B 60 -1.03 -25.34 32.82
N GLY B 61 -0.20 -25.58 33.83
CA GLY B 61 1.20 -25.27 33.70
C GLY B 61 1.48 -23.78 33.73
N VAL B 62 2.58 -23.38 33.10
CA VAL B 62 3.04 -22.00 33.06
C VAL B 62 2.87 -21.46 31.65
N VAL B 63 2.20 -20.32 31.54
CA VAL B 63 2.09 -19.61 30.27
C VAL B 63 3.26 -18.63 30.17
N ASP B 64 3.96 -18.66 29.04
CA ASP B 64 5.11 -17.80 28.84
C ASP B 64 4.65 -16.38 28.53
N ALA B 65 5.14 -15.42 29.31
CA ALA B 65 4.81 -14.01 29.11
C ALA B 65 6.08 -13.18 28.94
N THR B 66 6.92 -13.57 27.99
CA THR B 66 8.20 -12.89 27.76
C THR B 66 8.16 -11.94 26.58
N THR B 67 7.29 -12.16 25.62
CA THR B 67 7.20 -11.34 24.41
C THR B 67 5.74 -11.00 24.13
N PHE B 68 5.54 -9.87 23.46
CA PHE B 68 4.20 -9.47 23.06
C PHE B 68 3.59 -10.50 22.11
N GLN B 69 2.28 -10.70 22.23
CA GLN B 69 1.57 -11.65 21.37
C GLN B 69 1.29 -11.06 20.00
N SER B 70 0.31 -11.61 19.30
CA SER B 70 0.01 -11.20 17.93
C SER B 70 -0.82 -9.93 17.90
N VAL B 71 -0.69 -9.19 16.81
CA VAL B 71 -1.47 -7.98 16.57
C VAL B 71 -2.78 -8.36 15.92
N CYS B 72 -3.87 -7.68 16.31
CA CYS B 72 -5.16 -7.94 15.70
C CYS B 72 -5.13 -7.56 14.22
N TYR B 73 -5.92 -8.29 13.42
CA TYR B 73 -5.97 -8.04 11.99
C TYR B 73 -6.43 -6.61 11.71
N GLN B 74 -5.66 -5.90 10.91
CA GLN B 74 -5.91 -4.49 10.67
C GLN B 74 -5.21 -4.06 9.39
N TYR B 75 -5.69 -2.94 8.84
CA TYR B 75 -5.02 -2.34 7.69
C TYR B 75 -3.64 -1.84 8.09
N VAL B 76 -2.67 -2.03 7.19
CA VAL B 76 -1.29 -1.59 7.42
C VAL B 76 -0.98 -0.49 6.41
N ASP B 77 -0.42 0.62 6.91
CA ASP B 77 -0.15 1.78 6.08
C ASP B 77 1.11 1.54 5.26
N THR B 78 0.98 1.64 3.94
CA THR B 78 2.10 1.51 3.01
C THR B 78 2.25 2.75 2.14
N LEU B 79 1.69 3.88 2.57
CA LEU B 79 1.76 5.10 1.77
C LEU B 79 3.19 5.60 1.63
N TYR B 80 3.97 5.52 2.71
CA TYR B 80 5.36 5.97 2.72
C TYR B 80 6.22 4.83 3.27
N PRO B 81 6.63 3.90 2.41
CA PRO B 81 7.45 2.77 2.89
C PRO B 81 8.78 3.25 3.46
N GLY B 82 9.17 2.64 4.58
CA GLY B 82 10.40 2.98 5.24
C GLY B 82 10.39 4.27 6.03
N PHE B 83 9.26 4.98 6.08
CA PHE B 83 9.19 6.26 6.78
C PHE B 83 8.80 6.01 8.23
N GLU B 84 9.68 6.38 9.16
CA GLU B 84 9.45 6.09 10.56
C GLU B 84 8.19 6.78 11.08
N GLY B 85 7.81 7.91 10.49
CA GLY B 85 6.64 8.62 10.94
C GLY B 85 5.36 7.82 10.82
N THR B 86 5.26 6.95 9.81
CA THR B 86 4.12 6.08 9.64
C THR B 86 4.38 4.64 10.09
N GLU B 87 5.62 4.16 9.94
CA GLU B 87 5.93 2.79 10.33
C GLU B 87 5.83 2.60 11.85
N MET B 88 6.03 3.65 12.62
CA MET B 88 5.98 3.53 14.08
C MET B 88 4.61 3.13 14.58
N TRP B 89 3.57 3.33 13.79
CA TRP B 89 2.22 2.94 14.16
C TRP B 89 1.79 1.61 13.53
N ASN B 90 2.55 1.12 12.55
CA ASN B 90 2.23 -0.15 11.91
C ASN B 90 2.49 -1.31 12.89
N PRO B 91 1.89 -2.47 12.63
CA PRO B 91 2.12 -3.62 13.52
C PRO B 91 3.58 -4.05 13.51
N ASN B 92 4.07 -4.48 14.67
CA ASN B 92 5.41 -5.03 14.80
C ASN B 92 5.43 -6.53 15.07
N ARG B 93 4.27 -7.13 15.33
CA ARG B 93 4.14 -8.58 15.41
C ARG B 93 3.21 -9.06 14.28
N GLU B 94 3.23 -10.35 14.03
CA GLU B 94 2.42 -10.88 12.94
C GLU B 94 0.93 -10.78 13.28
N LEU B 95 0.11 -10.73 12.22
CA LEU B 95 -1.32 -10.53 12.38
C LEU B 95 -2.04 -11.86 12.58
N SER B 96 -3.10 -11.83 13.39
CA SER B 96 -3.91 -13.01 13.67
C SER B 96 -5.20 -12.56 14.34
N GLU B 97 -6.25 -13.36 14.15
CA GLU B 97 -7.49 -13.10 14.89
C GLU B 97 -7.35 -13.45 16.36
N ASP B 98 -6.44 -14.37 16.69
CA ASP B 98 -6.10 -14.70 18.08
C ASP B 98 -5.17 -13.62 18.60
N CYS B 99 -5.75 -12.53 19.12
CA CYS B 99 -4.95 -11.37 19.52
C CYS B 99 -5.36 -10.78 20.86
N LEU B 100 -6.42 -11.30 21.49
CA LEU B 100 -6.93 -10.74 22.73
C LEU B 100 -6.00 -11.10 23.87
N TYR B 101 -4.95 -10.28 24.02
CA TYR B 101 -3.95 -10.44 25.07
C TYR B 101 -3.66 -9.06 25.66
N LEU B 102 -3.33 -9.04 26.94
CA LEU B 102 -3.01 -7.83 27.65
C LEU B 102 -1.62 -7.95 28.27
N ASN B 103 -1.08 -6.79 28.68
CA ASN B 103 0.24 -6.70 29.28
C ASN B 103 0.16 -5.95 30.60
N VAL B 104 1.03 -6.30 31.52
CA VAL B 104 1.15 -5.61 32.80
C VAL B 104 2.61 -5.33 33.10
N TRP B 105 2.90 -4.11 33.54
CA TRP B 105 4.22 -3.72 34.02
C TRP B 105 4.13 -3.44 35.51
N THR B 106 5.09 -3.98 36.27
CA THR B 106 5.13 -3.75 37.71
C THR B 106 6.56 -3.46 38.13
N PRO B 107 6.76 -2.54 39.07
CA PRO B 107 8.12 -2.15 39.44
C PRO B 107 8.86 -3.28 40.16
N TYR B 108 10.19 -3.14 40.20
CA TYR B 108 11.03 -4.03 41.00
C TYR B 108 11.77 -3.21 42.04
N PRO B 109 11.67 -3.57 43.33
CA PRO B 109 10.91 -4.71 43.84
C PRO B 109 9.41 -4.51 43.78
N ARG B 110 8.66 -5.61 43.72
CA ARG B 110 7.21 -5.52 43.61
C ARG B 110 6.65 -4.78 44.82
N PRO B 111 5.74 -3.83 44.64
CA PRO B 111 5.23 -3.05 45.77
C PRO B 111 4.47 -3.92 46.75
N THR B 112 4.82 -3.83 48.03
CA THR B 112 4.10 -4.55 49.07
C THR B 112 2.77 -3.89 49.39
N SER B 113 2.66 -2.58 49.20
CA SER B 113 1.44 -1.80 49.36
C SER B 113 0.72 -1.66 48.03
N PRO B 114 -0.61 -1.73 48.04
CA PRO B 114 -1.37 -1.60 46.78
C PRO B 114 -1.09 -0.26 46.11
N THR B 115 -0.70 -0.33 44.83
CA THR B 115 -0.30 0.80 44.03
C THR B 115 -1.37 1.15 43.00
N PRO B 116 -1.66 2.43 42.80
CA PRO B 116 -2.61 2.81 41.74
C PRO B 116 -2.17 2.30 40.38
N VAL B 117 -3.16 2.03 39.52
CA VAL B 117 -2.95 1.37 38.24
C VAL B 117 -3.32 2.32 37.11
N LEU B 118 -2.46 2.37 36.10
CA LEU B 118 -2.73 3.08 34.86
C LEU B 118 -3.05 2.07 33.77
N VAL B 119 -4.12 2.30 33.02
CA VAL B 119 -4.61 1.37 32.01
C VAL B 119 -4.65 2.09 30.68
N TRP B 120 -3.81 1.66 29.73
CA TRP B 120 -3.67 2.33 28.46
C TRP B 120 -4.56 1.67 27.40
N ILE B 121 -5.22 2.52 26.61
CA ILE B 121 -6.06 2.07 25.50
C ILE B 121 -5.55 2.80 24.25
N TYR B 122 -4.86 2.06 23.38
CA TYR B 122 -4.27 2.67 22.20
C TYR B 122 -5.35 3.16 21.24
N GLY B 123 -5.00 4.16 20.44
CA GLY B 123 -5.88 4.72 19.44
C GLY B 123 -5.56 4.24 18.05
N GLY B 124 -6.07 4.97 17.06
CA GLY B 124 -5.84 4.62 15.68
C GLY B 124 -7.11 4.50 14.87
N GLY B 125 -8.06 5.40 15.11
CA GLY B 125 -9.26 5.47 14.29
C GLY B 125 -10.10 4.21 14.30
N PHE B 126 -10.03 3.42 15.38
CA PHE B 126 -10.78 2.18 15.53
C PHE B 126 -10.53 1.20 14.39
N TYR B 127 -9.43 1.35 13.66
CA TYR B 127 -9.10 0.47 12.55
C TYR B 127 -7.70 -0.11 12.61
N SER B 128 -6.88 0.33 13.58
CA SER B 128 -5.50 -0.14 13.67
C SER B 128 -5.04 0.03 15.11
N GLY B 129 -3.79 -0.38 15.35
CA GLY B 129 -3.19 -0.23 16.66
C GLY B 129 -2.81 -1.54 17.32
N ALA B 130 -1.89 -1.48 18.29
CA ALA B 130 -1.44 -2.65 19.02
C ALA B 130 -0.69 -2.18 20.26
N SER B 131 -0.89 -2.89 21.38
CA SER B 131 -0.18 -2.58 22.60
C SER B 131 1.29 -2.97 22.55
N SER B 132 1.75 -3.54 21.45
CA SER B 132 3.13 -4.00 21.32
C SER B 132 4.03 -2.97 20.65
N LEU B 133 3.53 -1.78 20.36
CA LEU B 133 4.34 -0.75 19.73
C LEU B 133 5.44 -0.26 20.67
N ASP B 134 6.58 0.10 20.09
CA ASP B 134 7.73 0.52 20.88
C ASP B 134 7.44 1.78 21.67
N VAL B 135 6.60 2.67 21.14
CA VAL B 135 6.28 3.92 21.82
C VAL B 135 5.28 3.74 22.94
N TYR B 136 4.70 2.56 23.10
CA TYR B 136 3.83 2.26 24.22
C TYR B 136 4.54 1.46 25.30
N ASP B 137 5.88 1.45 25.29
CA ASP B 137 6.65 0.74 26.30
C ASP B 137 6.50 1.44 27.64
N GLY B 138 5.98 0.73 28.63
CA GLY B 138 5.74 1.31 29.93
C GLY B 138 6.82 1.04 30.95
N ARG B 139 8.03 0.69 30.49
CA ARG B 139 9.11 0.40 31.43
C ARG B 139 9.61 1.67 32.12
N PHE B 140 9.58 2.80 31.43
CA PHE B 140 10.08 4.05 32.01
C PHE B 140 9.02 4.70 32.89
N LEU B 141 7.75 4.60 32.50
CA LEU B 141 6.68 5.18 33.31
C LEU B 141 6.49 4.40 34.62
N VAL B 142 6.81 3.11 34.62
CA VAL B 142 6.64 2.30 35.82
C VAL B 142 7.85 2.44 36.74
N GLN B 143 9.06 2.47 36.18
CA GLN B 143 10.25 2.55 37.01
C GLN B 143 10.36 3.91 37.68
N ALA B 144 10.07 4.99 36.94
CA ALA B 144 10.34 6.33 37.47
C ALA B 144 9.28 6.77 38.48
N GLU B 145 8.07 6.22 38.41
CA GLU B 145 6.98 6.64 39.29
C GLU B 145 6.43 5.51 40.15
N ARG B 146 6.91 4.28 39.98
CA ARG B 146 6.48 3.12 40.77
C ARG B 146 4.95 3.00 40.76
N THR B 147 4.44 2.67 39.58
CA THR B 147 3.01 2.47 39.38
C THR B 147 2.81 1.22 38.54
N VAL B 148 1.56 0.77 38.44
CA VAL B 148 1.21 -0.44 37.70
C VAL B 148 0.61 -0.01 36.36
N LEU B 149 1.30 -0.36 35.27
CA LEU B 149 0.83 -0.07 33.92
C LEU B 149 0.23 -1.33 33.33
N VAL B 150 -0.97 -1.20 32.75
CA VAL B 150 -1.66 -2.32 32.11
C VAL B 150 -2.11 -1.86 30.73
N SER B 151 -1.65 -2.55 29.70
CA SER B 151 -2.06 -2.29 28.33
C SER B 151 -2.80 -3.51 27.78
N MET B 152 -3.74 -3.26 26.88
CA MET B 152 -4.58 -4.32 26.35
C MET B 152 -4.63 -4.24 24.83
N ASN B 153 -5.13 -5.32 24.23
CA ASN B 153 -5.43 -5.37 22.81
C ASN B 153 -6.92 -5.53 22.63
N TYR B 154 -7.49 -4.77 21.70
CA TYR B 154 -8.91 -4.89 21.37
C TYR B 154 -9.07 -4.99 19.86
N ARG B 155 -10.13 -5.66 19.44
CA ARG B 155 -10.38 -5.86 18.03
C ARG B 155 -10.67 -4.54 17.33
N VAL B 156 -10.09 -4.36 16.15
CA VAL B 156 -10.28 -3.16 15.34
C VAL B 156 -10.90 -3.57 14.01
N GLY B 157 -11.25 -2.56 13.21
CA GLY B 157 -11.83 -2.80 11.91
C GLY B 157 -13.16 -3.52 11.99
N ALA B 158 -13.45 -4.30 10.94
CA ALA B 158 -14.72 -5.03 10.91
C ALA B 158 -14.79 -6.10 12.00
N PHE B 159 -13.65 -6.64 12.41
CA PHE B 159 -13.64 -7.69 13.42
C PHE B 159 -14.06 -7.20 14.80
N GLY B 160 -14.10 -5.88 15.00
CA GLY B 160 -14.46 -5.34 16.30
C GLY B 160 -15.61 -4.36 16.26
N PHE B 161 -15.98 -3.88 15.06
CA PHE B 161 -17.00 -2.84 14.98
C PHE B 161 -17.92 -2.97 13.76
N LEU B 162 -17.91 -4.10 13.05
CA LEU B 162 -18.94 -4.34 12.04
C LEU B 162 -20.25 -4.66 12.76
N ALA B 163 -21.30 -3.89 12.46
CA ALA B 163 -22.53 -3.96 13.22
C ALA B 163 -23.73 -3.99 12.28
N LEU B 164 -24.50 -5.08 12.35
CA LEU B 164 -25.85 -5.10 11.82
C LEU B 164 -26.78 -4.83 13.01
N PRO B 165 -27.24 -3.59 13.21
CA PRO B 165 -27.97 -3.27 14.44
C PRO B 165 -29.21 -4.13 14.61
N GLY B 166 -29.50 -4.46 15.87
CA GLY B 166 -30.62 -5.32 16.21
C GLY B 166 -30.38 -6.79 16.02
N SER B 167 -29.30 -7.18 15.35
CA SER B 167 -29.01 -8.59 15.10
C SER B 167 -28.34 -9.22 16.31
N ARG B 168 -28.16 -10.54 16.24
CA ARG B 168 -27.51 -11.30 17.29
C ARG B 168 -26.09 -11.75 16.93
N GLU B 169 -25.79 -11.90 15.65
CA GLU B 169 -24.47 -12.34 15.22
C GLU B 169 -23.52 -11.19 14.90
N ALA B 170 -24.05 -9.98 14.73
CA ALA B 170 -23.25 -8.78 14.51
C ALA B 170 -23.87 -7.63 15.27
N PRO B 171 -23.74 -7.63 16.60
CA PRO B 171 -24.38 -6.60 17.41
C PRO B 171 -23.65 -5.27 17.36
N GLY B 172 -22.32 -5.32 17.22
CA GLY B 172 -21.50 -4.14 17.22
C GLY B 172 -20.89 -3.86 18.57
N ASN B 173 -19.89 -2.99 18.57
CA ASN B 173 -19.17 -2.56 19.77
C ASN B 173 -18.49 -3.73 20.48
N VAL B 174 -18.25 -4.84 19.79
CA VAL B 174 -17.56 -5.96 20.41
C VAL B 174 -16.12 -5.58 20.70
N GLY B 175 -15.54 -4.67 19.92
CA GLY B 175 -14.21 -4.18 20.22
C GLY B 175 -14.16 -3.42 21.54
N LEU B 176 -15.20 -2.62 21.81
CA LEU B 176 -15.31 -1.97 23.11
C LEU B 176 -15.58 -2.99 24.21
N LEU B 177 -16.24 -4.09 23.87
CA LEU B 177 -16.46 -5.15 24.86
C LEU B 177 -15.17 -5.87 25.22
N ASP B 178 -14.22 -5.94 24.28
CA ASP B 178 -12.91 -6.50 24.61
C ASP B 178 -12.21 -5.66 25.66
N GLN B 179 -12.32 -4.33 25.56
CA GLN B 179 -11.71 -3.45 26.56
C GLN B 179 -12.39 -3.62 27.92
N ARG B 180 -13.71 -3.79 27.92
CA ARG B 180 -14.43 -4.01 29.18
C ARG B 180 -13.99 -5.32 29.84
N LEU B 181 -13.83 -6.37 29.05
CA LEU B 181 -13.40 -7.65 29.60
C LEU B 181 -11.99 -7.55 30.19
N ALA B 182 -11.13 -6.74 29.56
CA ALA B 182 -9.79 -6.55 30.10
C ALA B 182 -9.82 -5.75 31.40
N LEU B 183 -10.77 -4.82 31.54
CA LEU B 183 -10.90 -4.08 32.79
C LEU B 183 -11.45 -4.97 33.90
N GLN B 184 -12.35 -5.89 33.56
CA GLN B 184 -12.79 -6.89 34.52
C GLN B 184 -11.64 -7.79 34.94
N TRP B 185 -10.73 -8.09 34.01
CA TRP B 185 -9.54 -8.87 34.34
C TRP B 185 -8.65 -8.11 35.30
N VAL B 186 -8.57 -6.79 35.16
CA VAL B 186 -7.75 -5.99 36.07
C VAL B 186 -8.35 -5.99 37.46
N GLN B 187 -9.68 -5.87 37.57
CA GLN B 187 -10.33 -5.85 38.87
C GLN B 187 -10.16 -7.18 39.61
N GLU B 188 -9.88 -8.27 38.89
CA GLU B 188 -9.76 -9.57 39.53
C GLU B 188 -8.33 -10.03 39.74
N ASN B 189 -7.36 -9.43 39.06
CA ASN B 189 -6.00 -9.96 39.08
C ASN B 189 -4.89 -8.92 39.19
N VAL B 190 -5.18 -7.62 39.13
CA VAL B 190 -4.10 -6.64 39.23
C VAL B 190 -3.49 -6.63 40.62
N ALA B 191 -4.19 -7.15 41.63
CA ALA B 191 -3.62 -7.20 42.97
C ALA B 191 -2.51 -8.22 43.06
N ALA B 192 -2.56 -9.30 42.26
CA ALA B 192 -1.51 -10.29 42.26
C ALA B 192 -0.18 -9.72 41.78
N PHE B 193 -0.20 -8.63 41.02
CA PHE B 193 1.00 -7.95 40.58
C PHE B 193 1.37 -6.77 41.48
N GLY B 194 0.60 -6.52 42.54
CA GLY B 194 0.86 -5.40 43.42
C GLY B 194 0.10 -4.15 43.07
N GLY B 195 -1.04 -4.25 42.40
CA GLY B 195 -1.81 -3.10 41.97
C GLY B 195 -3.07 -2.94 42.80
N ASP B 196 -3.52 -1.70 42.92
CA ASP B 196 -4.72 -1.38 43.67
C ASP B 196 -5.92 -1.39 42.73
N PRO B 197 -6.80 -2.38 42.80
CA PRO B 197 -7.99 -2.36 41.92
C PRO B 197 -9.00 -1.28 42.28
N THR B 198 -8.79 -0.56 43.38
CA THR B 198 -9.66 0.54 43.79
C THR B 198 -9.08 1.90 43.43
N SER B 199 -8.20 1.94 42.43
CA SER B 199 -7.64 3.22 42.01
C SER B 199 -7.24 3.21 40.53
N VAL B 200 -7.82 2.33 39.70
CA VAL B 200 -7.39 2.22 38.31
C VAL B 200 -7.75 3.49 37.55
N THR B 201 -6.83 3.93 36.69
CA THR B 201 -6.98 5.18 35.95
C THR B 201 -6.86 4.87 34.46
N LEU B 202 -7.96 5.00 33.72
CA LEU B 202 -7.90 4.81 32.28
C LEU B 202 -7.27 6.02 31.61
N PHE B 203 -6.43 5.76 30.60
CA PHE B 203 -5.84 6.83 29.82
C PHE B 203 -5.55 6.33 28.42
N GLY B 204 -6.00 7.08 27.42
CA GLY B 204 -5.84 6.70 26.03
C GLY B 204 -5.68 7.91 25.16
N GLU B 205 -5.48 7.66 23.86
CA GLU B 205 -5.24 8.71 22.89
C GLU B 205 -6.03 8.43 21.63
N SER B 206 -6.46 9.50 20.97
CA SER B 206 -7.24 9.42 19.73
C SER B 206 -8.47 8.54 19.91
N ALA B 207 -8.57 7.48 19.11
CA ALA B 207 -9.70 6.55 19.23
C ALA B 207 -9.71 5.86 20.60
N GLY B 208 -8.52 5.69 21.20
CA GLY B 208 -8.48 5.16 22.55
C GLY B 208 -8.98 6.16 23.58
N ALA B 209 -8.68 7.45 23.38
CA ALA B 209 -9.24 8.48 24.24
C ALA B 209 -10.75 8.53 24.10
N ALA B 210 -11.26 8.35 22.88
CA ALA B 210 -12.71 8.24 22.71
C ALA B 210 -13.25 7.05 23.47
N SER B 211 -12.58 5.89 23.38
CA SER B 211 -13.01 4.70 24.09
C SER B 211 -13.05 4.93 25.60
N VAL B 212 -12.09 5.70 26.12
CA VAL B 212 -12.12 6.07 27.53
C VAL B 212 -13.38 6.88 27.84
N GLY B 213 -13.78 7.76 26.92
CA GLY B 213 -14.99 8.51 27.11
C GLY B 213 -16.24 7.66 27.01
N MET B 214 -16.23 6.67 26.13
CA MET B 214 -17.39 5.78 25.99
C MET B 214 -17.52 4.84 27.18
N HIS B 215 -16.43 4.59 27.90
CA HIS B 215 -16.52 3.85 29.16
C HIS B 215 -17.05 4.72 30.29
N LEU B 216 -16.92 6.04 30.18
CA LEU B 216 -17.56 6.93 31.15
C LEU B 216 -19.07 6.94 30.98
N LEU B 217 -19.54 6.86 29.73
CA LEU B 217 -20.96 6.93 29.42
C LEU B 217 -21.65 5.57 29.45
N SER B 218 -20.90 4.49 29.63
CA SER B 218 -21.49 3.16 29.71
C SER B 218 -21.58 2.75 31.18
N PRO B 219 -22.77 2.51 31.72
CA PRO B 219 -22.90 2.14 33.13
C PRO B 219 -22.12 0.87 33.48
N PRO B 220 -22.22 -0.22 32.69
CA PRO B 220 -21.51 -1.45 33.08
C PRO B 220 -20.00 -1.31 33.10
N SER B 221 -19.44 -0.25 32.51
CA SER B 221 -18.01 -0.02 32.52
C SER B 221 -17.56 1.03 33.53
N ARG B 222 -18.49 1.86 34.02
CA ARG B 222 -18.11 2.92 34.95
C ARG B 222 -17.65 2.35 36.28
N GLY B 223 -18.22 1.24 36.71
CA GLY B 223 -17.81 0.51 37.90
C GLY B 223 -16.47 -0.18 37.81
N LEU B 224 -15.70 0.02 36.73
CA LEU B 224 -14.41 -0.64 36.56
C LEU B 224 -13.23 0.31 36.61
N PHE B 225 -13.45 1.61 36.81
CA PHE B 225 -12.38 2.59 36.91
C PHE B 225 -12.92 3.80 37.66
N HIS B 226 -12.02 4.72 37.97
CA HIS B 226 -12.35 5.83 38.86
C HIS B 226 -11.95 7.18 38.26
N ARG B 227 -10.91 7.18 37.43
CA ARG B 227 -10.45 8.39 36.76
C ARG B 227 -10.31 8.12 35.27
N ALA B 228 -10.18 9.20 34.50
CA ALA B 228 -10.12 9.11 33.05
C ALA B 228 -9.17 10.16 32.51
N VAL B 229 -8.51 9.81 31.42
CA VAL B 229 -7.63 10.71 30.68
C VAL B 229 -7.94 10.55 29.20
N LEU B 230 -8.29 11.65 28.55
CA LEU B 230 -8.61 11.66 27.12
C LEU B 230 -7.60 12.57 26.43
N GLN B 231 -6.68 11.98 25.68
CA GLN B 231 -5.62 12.71 24.99
C GLN B 231 -6.01 12.88 23.53
N SER B 232 -6.45 14.09 23.18
CA SER B 232 -6.81 14.45 21.80
C SER B 232 -7.80 13.45 21.21
N GLY B 233 -8.94 13.32 21.89
CA GLY B 233 -9.98 12.41 21.47
C GLY B 233 -11.17 12.44 22.39
N ALA B 234 -12.37 12.38 21.83
CA ALA B 234 -13.61 12.47 22.59
C ALA B 234 -14.65 11.57 21.95
N PRO B 235 -15.55 10.99 22.75
CA PRO B 235 -16.59 10.11 22.18
C PRO B 235 -17.63 10.85 21.35
N ASN B 236 -17.81 12.15 21.57
CA ASN B 236 -18.81 12.93 20.85
C ASN B 236 -18.29 13.49 19.53
N GLY B 237 -17.11 13.07 19.09
CA GLY B 237 -16.56 13.54 17.83
C GLY B 237 -17.37 13.06 16.65
N PRO B 238 -17.24 13.75 15.51
CA PRO B 238 -17.97 13.34 14.30
C PRO B 238 -17.44 12.06 13.68
N TRP B 239 -16.37 11.47 14.21
CA TRP B 239 -15.78 10.26 13.67
C TRP B 239 -15.86 9.07 14.61
N ALA B 240 -16.14 9.28 15.90
CA ALA B 240 -16.05 8.20 16.88
C ALA B 240 -17.26 7.28 16.87
N THR B 241 -18.40 7.73 16.34
CA THR B 241 -19.61 6.90 16.30
C THR B 241 -20.22 6.98 14.90
N VAL B 242 -21.29 6.22 14.71
CA VAL B 242 -22.00 6.19 13.44
C VAL B 242 -23.43 5.78 13.72
N GLY B 243 -24.36 6.22 12.87
CA GLY B 243 -25.76 5.91 13.05
C GLY B 243 -26.06 4.45 12.74
N MET B 244 -27.27 4.04 13.14
CA MET B 244 -27.70 2.66 12.93
C MET B 244 -27.79 2.34 11.45
N GLY B 245 -28.56 3.15 10.70
CA GLY B 245 -28.77 2.85 9.29
C GLY B 245 -27.50 2.87 8.47
N GLU B 246 -26.59 3.80 8.80
CA GLU B 246 -25.34 3.88 8.07
C GLU B 246 -24.44 2.69 8.37
N ALA B 247 -24.40 2.25 9.63
CA ALA B 247 -23.60 1.08 9.98
C ALA B 247 -24.07 -0.16 9.25
N ARG B 248 -25.38 -0.31 9.07
CA ARG B 248 -25.91 -1.43 8.32
C ARG B 248 -25.51 -1.35 6.85
N ARG B 249 -25.58 -0.16 6.26
CA ARG B 249 -25.17 0.01 4.87
C ARG B 249 -23.68 -0.28 4.71
N ARG B 250 -22.87 0.14 5.67
CA ARG B 250 -21.43 -0.13 5.61
C ARG B 250 -21.14 -1.61 5.80
N ALA B 251 -21.96 -2.32 6.58
CA ALA B 251 -21.79 -3.76 6.71
C ALA B 251 -22.22 -4.49 5.45
N THR B 252 -23.35 -4.10 4.87
CA THR B 252 -23.80 -4.70 3.62
C THR B 252 -22.87 -4.35 2.47
N GLN B 253 -22.28 -3.15 2.48
CA GLN B 253 -21.31 -2.78 1.47
C GLN B 253 -20.10 -3.71 1.50
N LEU B 254 -19.58 -4.00 2.70
CA LEU B 254 -18.43 -4.89 2.80
C LEU B 254 -18.79 -6.31 2.35
N ALA B 255 -19.99 -6.77 2.71
CA ALA B 255 -20.39 -8.12 2.31
C ALA B 255 -20.44 -8.27 0.80
N HIS B 256 -20.92 -7.23 0.10
CA HIS B 256 -21.00 -7.30 -1.35
C HIS B 256 -19.61 -7.36 -1.99
N LEU B 257 -18.69 -6.54 -1.50
CA LEU B 257 -17.34 -6.50 -2.06
C LEU B 257 -16.58 -7.82 -1.86
N VAL B 258 -16.98 -8.61 -0.87
CA VAL B 258 -16.33 -9.90 -0.63
C VAL B 258 -17.10 -11.07 -1.23
N GLY B 259 -18.36 -10.86 -1.61
CA GLY B 259 -19.12 -11.90 -2.29
C GLY B 259 -20.26 -12.46 -1.47
N CYS B 260 -20.81 -11.66 -0.56
CA CYS B 260 -21.89 -12.08 0.31
C CYS B 260 -23.09 -11.16 0.12
N PRO B 261 -24.29 -11.70 -0.16
CA PRO B 261 -24.52 -13.14 -0.31
C PRO B 261 -24.16 -13.65 -1.71
N PRO B 262 -23.96 -14.96 -1.86
CA PRO B 262 -23.73 -15.52 -3.19
C PRO B 262 -24.90 -15.23 -4.12
N GLY B 263 -24.60 -15.16 -5.41
CA GLY B 263 -25.61 -14.82 -6.40
C GLY B 263 -26.75 -15.81 -6.49
N GLY B 264 -27.87 -15.50 -5.84
CA GLY B 264 -29.04 -16.34 -5.91
C GLY B 264 -29.72 -16.62 -4.58
N THR B 265 -29.02 -16.37 -3.48
CA THR B 265 -29.53 -16.65 -2.15
C THR B 265 -30.07 -15.37 -1.50
N GLY B 266 -30.80 -15.56 -0.41
CA GLY B 266 -31.36 -14.45 0.33
C GLY B 266 -30.29 -13.62 1.03
N GLY B 267 -30.74 -12.56 1.68
CA GLY B 267 -29.81 -11.65 2.32
C GLY B 267 -30.29 -11.07 3.64
N ASN B 268 -30.75 -11.92 4.55
CA ASN B 268 -31.08 -11.46 5.89
C ASN B 268 -29.80 -11.30 6.70
N ASP B 269 -29.93 -10.90 7.96
CA ASP B 269 -28.75 -10.65 8.79
C ASP B 269 -28.00 -11.93 9.11
N THR B 270 -28.72 -13.04 9.28
CA THR B 270 -28.06 -14.29 9.66
C THR B 270 -27.23 -14.85 8.53
N GLU B 271 -27.80 -14.89 7.31
CA GLU B 271 -27.07 -15.42 6.17
C GLU B 271 -25.90 -14.55 5.76
N LEU B 272 -25.94 -13.26 6.10
CA LEU B 272 -24.87 -12.35 5.68
C LEU B 272 -23.60 -12.58 6.49
N VAL B 273 -23.72 -12.62 7.82
CA VAL B 273 -22.56 -12.83 8.67
C VAL B 273 -22.03 -14.25 8.54
N ALA B 274 -22.92 -15.23 8.34
CA ALA B 274 -22.45 -16.61 8.14
C ALA B 274 -21.58 -16.70 6.89
N CYS B 275 -21.93 -15.95 5.85
CA CYS B 275 -21.07 -15.87 4.67
C CYS B 275 -19.81 -15.08 4.97
N LEU B 276 -19.89 -14.09 5.87
CA LEU B 276 -18.70 -13.31 6.21
C LEU B 276 -17.73 -14.10 7.05
N ARG B 277 -18.21 -15.00 7.91
CA ARG B 277 -17.33 -15.79 8.75
C ARG B 277 -16.52 -16.81 7.95
N THR B 278 -17.00 -17.21 6.77
CA THR B 278 -16.29 -18.17 5.94
C THR B 278 -15.19 -17.52 5.09
N ARG B 279 -14.90 -16.24 5.30
CA ARG B 279 -13.93 -15.55 4.48
C ARG B 279 -12.59 -15.39 5.22
N PRO B 280 -11.49 -15.40 4.48
CA PRO B 280 -10.19 -15.12 5.10
C PRO B 280 -10.17 -13.74 5.72
N ALA B 281 -9.47 -13.63 6.86
CA ALA B 281 -9.44 -12.36 7.58
C ALA B 281 -8.82 -11.25 6.74
N GLN B 282 -7.78 -11.59 5.98
CA GLN B 282 -7.11 -10.57 5.16
C GLN B 282 -7.99 -10.08 4.03
N VAL B 283 -8.89 -10.92 3.52
CA VAL B 283 -9.77 -10.51 2.44
C VAL B 283 -10.72 -9.41 2.91
N LEU B 284 -11.22 -9.51 4.14
CA LEU B 284 -12.09 -8.48 4.68
C LEU B 284 -11.33 -7.16 4.88
N VAL B 285 -10.07 -7.25 5.29
CA VAL B 285 -9.29 -6.04 5.51
C VAL B 285 -9.00 -5.35 4.18
N ASN B 286 -8.86 -6.12 3.10
CA ASN B 286 -8.53 -5.54 1.80
C ASN B 286 -9.67 -4.76 1.17
N HIS B 287 -10.81 -4.61 1.85
CA HIS B 287 -11.94 -3.85 1.32
C HIS B 287 -12.54 -2.93 2.37
N GLU B 288 -11.73 -2.50 3.34
CA GLU B 288 -12.26 -1.68 4.42
C GLU B 288 -12.47 -0.23 3.99
N TRP B 289 -11.46 0.36 3.33
CA TRP B 289 -11.55 1.77 2.96
C TRP B 289 -12.49 2.02 1.77
N HIS B 290 -12.84 0.98 1.02
CA HIS B 290 -13.78 1.11 -0.08
C HIS B 290 -15.23 1.15 0.40
N VAL B 291 -15.44 1.35 1.70
CA VAL B 291 -16.76 1.40 2.28
C VAL B 291 -17.18 2.82 2.66
N LEU B 292 -16.23 3.71 2.91
CA LEU B 292 -16.57 5.08 3.28
C LEU B 292 -17.42 5.73 2.18
N PRO B 293 -18.43 6.52 2.53
CA PRO B 293 -19.38 7.01 1.52
C PRO B 293 -18.82 8.07 0.59
N GLN B 294 -17.71 8.72 0.93
CA GLN B 294 -17.16 9.76 0.07
C GLN B 294 -15.69 9.97 0.41
N GLU B 295 -15.01 10.70 -0.48
CA GLU B 295 -13.63 11.10 -0.25
C GLU B 295 -13.58 12.03 0.96
N SER B 296 -12.75 11.68 1.95
CA SER B 296 -12.68 12.46 3.18
C SER B 296 -11.41 12.11 3.92
N VAL B 297 -11.14 12.88 4.98
CA VAL B 297 -10.07 12.59 5.93
C VAL B 297 -10.69 12.58 7.32
N PHE B 298 -9.97 11.92 8.25
CA PHE B 298 -10.44 11.76 9.63
C PHE B 298 -11.80 11.08 9.69
N ARG B 299 -12.04 10.14 8.77
CA ARG B 299 -13.24 9.33 8.74
C ARG B 299 -12.85 7.87 8.56
N PHE B 300 -13.48 6.98 9.33
CA PHE B 300 -13.13 5.58 9.35
C PHE B 300 -14.38 4.73 9.15
N SER B 301 -14.19 3.55 8.57
CA SER B 301 -15.30 2.70 8.14
C SER B 301 -16.12 2.17 9.30
N PHE B 302 -15.53 1.31 10.13
CA PHE B 302 -16.24 0.61 11.19
C PHE B 302 -15.85 1.21 12.54
N VAL B 303 -16.77 1.96 13.13
CA VAL B 303 -16.55 2.66 14.40
C VAL B 303 -17.63 2.19 15.37
N PRO B 304 -17.54 2.52 16.66
CA PRO B 304 -18.62 2.14 17.59
C PRO B 304 -19.97 2.67 17.13
N VAL B 305 -21.00 1.90 17.42
CA VAL B 305 -22.36 2.17 16.95
C VAL B 305 -23.25 2.45 18.14
N VAL B 306 -24.02 3.54 18.06
CA VAL B 306 -25.08 3.79 19.04
C VAL B 306 -26.21 2.80 18.78
N ASP B 307 -26.46 1.92 19.74
CA ASP B 307 -27.37 0.80 19.54
C ASP B 307 -28.41 0.62 20.65
N GLY B 308 -28.23 1.23 21.81
CA GLY B 308 -29.13 1.03 22.93
C GLY B 308 -28.64 0.04 23.97
N ASP B 309 -27.51 -0.62 23.71
CA ASP B 309 -26.96 -1.58 24.67
C ASP B 309 -25.73 -0.99 25.35
N PHE B 310 -24.56 -1.10 24.70
CA PHE B 310 -23.36 -0.48 25.24
C PHE B 310 -23.51 1.04 25.30
N LEU B 311 -24.20 1.62 24.33
CA LEU B 311 -24.54 3.05 24.32
C LEU B 311 -26.05 3.16 24.33
N SER B 312 -26.62 3.47 25.50
CA SER B 312 -28.07 3.66 25.59
C SER B 312 -28.55 4.78 24.69
N ASP B 313 -27.68 5.76 24.41
CA ASP B 313 -27.99 6.83 23.48
C ASP B 313 -26.68 7.33 22.87
N THR B 314 -26.78 8.40 22.09
CA THR B 314 -25.59 8.98 21.47
C THR B 314 -24.68 9.55 22.56
N PRO B 315 -23.36 9.62 22.30
CA PRO B 315 -22.47 10.18 23.32
C PRO B 315 -22.81 11.60 23.71
N GLU B 316 -23.19 12.45 22.75
CA GLU B 316 -23.54 13.83 23.07
C GLU B 316 -24.73 13.90 24.02
N ALA B 317 -25.72 13.02 23.81
CA ALA B 317 -26.89 13.03 24.68
C ALA B 317 -26.53 12.56 26.09
N LEU B 318 -25.66 11.55 26.20
CA LEU B 318 -25.28 11.04 27.51
C LEU B 318 -24.38 12.03 28.25
N ILE B 319 -23.56 12.79 27.52
CA ILE B 319 -22.71 13.79 28.16
C ILE B 319 -23.57 14.92 28.73
N ASN B 320 -24.67 15.26 28.05
CA ASN B 320 -25.50 16.36 28.52
C ASN B 320 -26.35 15.95 29.72
N ALA B 321 -26.95 14.76 29.68
CA ALA B 321 -27.84 14.29 30.74
C ALA B 321 -27.12 13.35 31.71
N GLY B 322 -25.84 13.60 31.99
CA GLY B 322 -25.07 12.75 32.87
C GLY B 322 -24.60 13.49 34.11
N ASP B 323 -24.48 12.75 35.20
CA ASP B 323 -23.98 13.28 36.47
C ASP B 323 -22.62 12.66 36.75
N PHE B 324 -21.62 13.50 36.98
CA PHE B 324 -20.23 13.08 37.08
C PHE B 324 -19.61 13.51 38.40
N HIS B 325 -20.37 13.47 39.48
CA HIS B 325 -19.81 13.75 40.79
C HIS B 325 -18.93 12.59 41.23
N GLY B 326 -17.84 12.91 41.93
CA GLY B 326 -16.89 11.89 42.33
C GLY B 326 -16.04 11.37 41.19
N LEU B 327 -15.73 12.22 40.22
CA LEU B 327 -14.94 11.84 39.06
C LEU B 327 -14.04 13.01 38.67
N GLN B 328 -12.77 12.70 38.41
CA GLN B 328 -11.81 13.69 37.95
C GLN B 328 -11.22 13.24 36.62
N VAL B 329 -11.21 14.15 35.65
CA VAL B 329 -10.81 13.85 34.28
C VAL B 329 -9.65 14.76 33.89
N LEU B 330 -8.78 14.26 33.01
CA LEU B 330 -7.67 15.03 32.46
C LEU B 330 -7.72 14.92 30.94
N VAL B 331 -8.04 16.02 30.27
CA VAL B 331 -8.16 16.05 28.82
C VAL B 331 -7.18 17.06 28.25
N GLY B 332 -6.96 16.97 26.95
CA GLY B 332 -6.03 17.88 26.30
C GLY B 332 -5.89 17.55 24.83
N VAL B 333 -5.13 18.41 24.15
CA VAL B 333 -4.90 18.31 22.70
C VAL B 333 -3.46 18.71 22.41
N VAL B 334 -3.05 18.51 21.16
CA VAL B 334 -1.76 18.97 20.68
C VAL B 334 -1.97 20.26 19.90
N LYS B 335 -0.88 20.97 19.62
CA LYS B 335 -0.98 22.29 19.01
C LYS B 335 -1.49 22.21 17.58
N ASP B 336 -1.19 21.13 16.87
CA ASP B 336 -1.54 20.99 15.45
C ASP B 336 -2.21 19.63 15.24
N GLU B 337 -3.50 19.56 15.57
CA GLU B 337 -4.22 18.29 15.50
C GLU B 337 -4.38 17.82 14.06
N GLY B 338 -5.07 18.61 13.24
CA GLY B 338 -5.45 18.18 11.91
C GLY B 338 -4.36 18.25 10.85
N SER B 339 -3.15 18.65 11.19
CA SER B 339 -2.11 18.78 10.18
C SER B 339 -1.68 17.44 9.60
N TYR B 340 -1.83 16.36 10.39
CA TYR B 340 -1.36 15.05 9.93
C TYR B 340 -2.29 14.46 8.87
N PHE B 341 -3.59 14.67 9.01
CA PHE B 341 -4.57 14.04 8.12
C PHE B 341 -4.68 14.73 6.77
N LEU B 342 -4.01 15.87 6.58
CA LEU B 342 -4.15 16.60 5.32
C LEU B 342 -3.44 15.90 4.17
N VAL B 343 -2.40 15.12 4.46
CA VAL B 343 -1.64 14.43 3.42
C VAL B 343 -2.28 13.08 3.15
N TYR B 344 -3.57 12.95 3.47
CA TYR B 344 -4.30 11.71 3.27
C TYR B 344 -5.57 11.92 2.46
N GLY B 345 -5.65 13.02 1.70
CA GLY B 345 -6.82 13.26 0.88
C GLY B 345 -7.00 14.70 0.45
N ALA B 346 -6.51 15.63 1.26
CA ALA B 346 -6.68 17.04 0.94
C ALA B 346 -5.87 17.40 -0.30
N PRO B 347 -6.44 18.12 -1.26
CA PRO B 347 -5.73 18.39 -2.52
C PRO B 347 -4.58 19.37 -2.31
N GLY B 348 -3.45 19.07 -2.95
CA GLY B 348 -2.29 19.93 -2.91
C GLY B 348 -1.35 19.73 -1.75
N PHE B 349 -1.57 18.69 -0.94
CA PHE B 349 -0.73 18.45 0.23
C PHE B 349 0.25 17.31 -0.03
N SER B 350 1.47 17.48 0.46
CA SER B 350 2.52 16.47 0.33
C SER B 350 3.52 16.66 1.45
N LYS B 351 3.84 15.57 2.15
CA LYS B 351 4.79 15.66 3.26
C LYS B 351 6.21 15.97 2.79
N ASP B 352 6.49 15.88 1.49
CA ASP B 352 7.83 16.09 0.97
C ASP B 352 8.05 17.49 0.42
N ASN B 353 7.02 18.32 0.35
CA ASN B 353 7.20 19.73 0.07
C ASN B 353 6.61 20.55 1.21
N GLU B 354 6.40 21.85 0.99
CA GLU B 354 5.88 22.71 2.03
C GLU B 354 4.36 22.83 1.99
N SER B 355 3.70 22.22 1.01
CA SER B 355 2.23 22.21 0.92
C SER B 355 1.66 23.63 0.90
N LEU B 356 2.21 24.46 0.01
CA LEU B 356 1.71 25.82 -0.17
C LEU B 356 0.55 25.77 -1.15
N ILE B 357 -0.65 25.56 -0.61
CA ILE B 357 -1.82 25.31 -1.43
C ILE B 357 -2.38 26.62 -1.98
N SER B 358 -3.21 26.50 -3.01
CA SER B 358 -3.86 27.66 -3.62
C SER B 358 -5.21 27.91 -2.95
N ARG B 359 -5.91 28.94 -3.42
CA ARG B 359 -7.23 29.25 -2.87
C ARG B 359 -8.25 28.19 -3.28
N ALA B 360 -8.18 27.73 -4.53
CA ALA B 360 -9.11 26.70 -4.98
C ALA B 360 -8.87 25.38 -4.26
N GLU B 361 -7.60 25.03 -4.03
CA GLU B 361 -7.29 23.82 -3.28
C GLU B 361 -7.81 23.91 -1.85
N PHE B 362 -7.77 25.10 -1.26
CA PHE B 362 -8.34 25.28 0.07
C PHE B 362 -9.85 25.14 0.05
N LEU B 363 -10.50 25.67 -1.00
CA LEU B 363 -11.95 25.55 -1.09
C LEU B 363 -12.38 24.09 -1.27
N ALA B 364 -11.56 23.28 -1.94
CA ALA B 364 -11.86 21.86 -2.10
C ALA B 364 -11.48 21.05 -0.87
N GLY B 365 -10.45 21.49 -0.14
CA GLY B 365 -10.04 20.77 1.05
C GLY B 365 -11.07 20.83 2.17
N VAL B 366 -11.83 21.92 2.23
CA VAL B 366 -12.88 22.02 3.25
C VAL B 366 -13.95 20.98 3.02
N ARG B 367 -14.25 20.65 1.76
CA ARG B 367 -15.22 19.61 1.47
C ARG B 367 -14.69 18.22 1.83
N VAL B 368 -13.37 18.03 1.75
CA VAL B 368 -12.78 16.78 2.18
C VAL B 368 -12.67 16.74 3.71
N GLY B 369 -12.20 17.84 4.30
CA GLY B 369 -12.08 17.88 5.76
C GLY B 369 -13.42 17.88 6.47
N VAL B 370 -14.44 18.49 5.87
CA VAL B 370 -15.78 18.51 6.44
C VAL B 370 -16.72 17.80 5.47
N PRO B 371 -16.80 16.47 5.50
CA PRO B 371 -17.63 15.76 4.54
C PRO B 371 -19.10 15.78 4.91
N GLN B 372 -19.95 15.66 3.89
CA GLN B 372 -21.39 15.53 4.03
C GLN B 372 -21.99 16.73 4.78
N VAL B 373 -21.78 17.91 4.21
CA VAL B 373 -22.41 19.14 4.68
C VAL B 373 -22.93 19.89 3.46
N SER B 374 -24.00 20.66 3.68
CA SER B 374 -24.57 21.46 2.60
C SER B 374 -23.55 22.47 2.10
N ASP B 375 -23.67 22.82 0.81
CA ASP B 375 -22.74 23.77 0.22
C ASP B 375 -22.81 25.13 0.93
N LEU B 376 -23.96 25.46 1.52
CA LEU B 376 -24.06 26.67 2.31
C LEU B 376 -23.33 26.52 3.65
N ALA B 377 -23.30 25.31 4.22
CA ALA B 377 -22.60 25.10 5.47
C ALA B 377 -21.09 25.21 5.30
N ALA B 378 -20.57 24.81 4.13
CA ALA B 378 -19.13 24.90 3.90
C ALA B 378 -18.68 26.35 3.80
N GLU B 379 -19.50 27.21 3.21
CA GLU B 379 -19.15 28.62 3.09
C GLU B 379 -19.07 29.30 4.45
N ALA B 380 -19.84 28.84 5.43
CA ALA B 380 -19.69 29.32 6.79
C ALA B 380 -18.36 28.87 7.38
N VAL B 381 -17.91 27.65 7.02
CA VAL B 381 -16.61 27.19 7.46
C VAL B 381 -15.50 27.98 6.78
N VAL B 382 -15.66 28.23 5.47
CA VAL B 382 -14.67 29.02 4.74
C VAL B 382 -14.60 30.44 5.30
N LEU B 383 -15.75 31.01 5.64
CA LEU B 383 -15.77 32.36 6.21
C LEU B 383 -15.00 32.43 7.53
N HIS B 384 -15.18 31.43 8.39
CA HIS B 384 -14.59 31.48 9.72
C HIS B 384 -13.11 31.13 9.74
N TYR B 385 -12.60 30.47 8.71
CA TYR B 385 -11.23 29.96 8.69
C TYR B 385 -10.40 30.54 7.55
N THR B 386 -10.63 31.81 7.20
CA THR B 386 -9.79 32.47 6.21
C THR B 386 -9.51 33.89 6.68
N ASP B 387 -8.31 34.37 6.38
CA ASP B 387 -7.91 35.73 6.68
C ASP B 387 -8.34 36.60 5.51
N TRP B 388 -9.38 37.41 5.71
CA TRP B 388 -9.93 38.18 4.60
C TRP B 388 -9.04 39.35 4.19
N LEU B 389 -7.96 39.62 4.93
CA LEU B 389 -6.95 40.55 4.45
C LEU B 389 -5.88 39.86 3.62
N HIS B 390 -5.64 38.57 3.87
CA HIS B 390 -4.72 37.75 3.08
C HIS B 390 -5.45 36.48 2.64
N PRO B 391 -6.48 36.61 1.79
CA PRO B 391 -7.30 35.44 1.44
C PRO B 391 -6.64 34.50 0.45
N GLU B 392 -5.48 34.85 -0.11
CA GLU B 392 -4.82 34.02 -1.12
C GLU B 392 -3.43 33.57 -0.67
N ASP B 393 -3.05 33.83 0.57
CA ASP B 393 -1.73 33.45 1.05
C ASP B 393 -1.67 31.94 1.27
N PRO B 394 -0.81 31.20 0.57
CA PRO B 394 -0.74 29.75 0.78
C PRO B 394 -0.35 29.37 2.19
N ALA B 395 0.61 30.07 2.80
CA ALA B 395 1.04 29.73 4.14
C ALA B 395 -0.08 29.87 5.15
N ARG B 396 -0.98 30.83 4.95
CA ARG B 396 -2.10 31.01 5.87
C ARG B 396 -3.23 30.03 5.56
N LEU B 397 -3.45 29.74 4.28
CA LEU B 397 -4.47 28.76 3.93
C LEU B 397 -4.08 27.35 4.39
N ARG B 398 -2.78 27.06 4.43
CA ARG B 398 -2.33 25.75 4.88
C ARG B 398 -2.67 25.53 6.35
N GLU B 399 -2.17 26.41 7.23
CA GLU B 399 -2.50 26.31 8.64
C GLU B 399 -4.00 26.49 8.90
N ALA B 400 -4.72 27.14 7.99
CA ALA B 400 -6.16 27.29 8.16
C ALA B 400 -6.86 25.95 8.02
N LEU B 401 -6.61 25.23 6.93
CA LEU B 401 -7.23 23.92 6.74
C LEU B 401 -6.80 22.93 7.81
N SER B 402 -5.57 23.09 8.31
CA SER B 402 -5.15 22.29 9.47
C SER B 402 -6.01 22.60 10.68
N ASP B 403 -6.37 23.87 10.87
CA ASP B 403 -7.27 24.23 11.96
C ASP B 403 -8.69 23.71 11.71
N VAL B 404 -9.11 23.65 10.45
CA VAL B 404 -10.45 23.17 10.13
C VAL B 404 -10.59 21.70 10.53
N VAL B 405 -9.65 20.87 10.08
CA VAL B 405 -9.70 19.44 10.42
C VAL B 405 -9.41 19.24 11.90
N GLY B 406 -8.51 20.05 12.48
CA GLY B 406 -8.17 19.88 13.87
C GLY B 406 -9.31 20.26 14.81
N ASP B 407 -9.95 21.40 14.55
CA ASP B 407 -11.03 21.85 15.44
C ASP B 407 -12.29 21.00 15.27
N HIS B 408 -12.64 20.66 14.02
CA HIS B 408 -13.89 19.96 13.78
C HIS B 408 -13.88 18.56 14.37
N ASN B 409 -12.75 17.87 14.34
CA ASN B 409 -12.67 16.48 14.74
C ASN B 409 -12.15 16.27 16.16
N VAL B 410 -11.29 17.16 16.67
CA VAL B 410 -10.64 16.92 17.95
C VAL B 410 -10.88 18.07 18.91
N VAL B 411 -10.39 19.26 18.57
CA VAL B 411 -10.29 20.34 19.54
C VAL B 411 -11.66 20.73 20.08
N CYS B 412 -12.63 20.90 19.19
CA CYS B 412 -13.94 21.37 19.63
C CYS B 412 -14.79 20.27 20.27
N PRO B 413 -14.80 19.04 19.73
CA PRO B 413 -15.48 17.96 20.47
C PRO B 413 -14.92 17.74 21.86
N VAL B 414 -13.61 17.97 22.06
CA VAL B 414 -13.01 17.80 23.38
C VAL B 414 -13.37 18.95 24.30
N ALA B 415 -13.30 20.18 23.79
CA ALA B 415 -13.60 21.34 24.63
C ALA B 415 -15.04 21.33 25.12
N GLN B 416 -15.97 20.83 24.29
CA GLN B 416 -17.35 20.71 24.74
C GLN B 416 -17.49 19.66 25.83
N LEU B 417 -16.76 18.55 25.71
CA LEU B 417 -16.83 17.50 26.73
C LEU B 417 -16.29 18.00 28.05
N ALA B 418 -15.13 18.66 28.04
CA ALA B 418 -14.52 19.14 29.27
C ALA B 418 -15.39 20.18 29.95
N GLY B 419 -16.09 21.01 29.17
CA GLY B 419 -16.98 21.99 29.77
C GLY B 419 -18.21 21.35 30.40
N ARG B 420 -18.76 20.33 29.75
CA ARG B 420 -19.94 19.66 30.29
C ARG B 420 -19.60 18.81 31.51
N LEU B 421 -18.40 18.24 31.55
CA LEU B 421 -18.00 17.42 32.70
C LEU B 421 -17.81 18.28 33.94
N ALA B 422 -17.10 19.40 33.82
CA ALA B 422 -16.84 20.24 34.97
C ALA B 422 -18.11 20.92 35.47
N ALA B 423 -18.96 21.36 34.55
CA ALA B 423 -20.20 22.04 34.93
C ALA B 423 -21.26 21.10 35.48
N GLN B 424 -20.96 19.79 35.58
CA GLN B 424 -21.94 18.82 36.08
C GLN B 424 -21.33 17.89 37.13
N GLY B 425 -20.26 18.30 37.79
CA GLY B 425 -19.75 17.54 38.92
C GLY B 425 -18.29 17.15 38.86
N ALA B 426 -17.77 16.89 37.66
CA ALA B 426 -16.42 16.38 37.52
C ALA B 426 -15.39 17.48 37.75
N ARG B 427 -14.19 17.06 38.15
CA ARG B 427 -13.05 17.96 38.31
C ARG B 427 -12.12 17.73 37.12
N VAL B 428 -12.16 18.67 36.17
CA VAL B 428 -11.49 18.50 34.88
C VAL B 428 -10.20 19.31 34.86
N TYR B 429 -9.16 18.74 34.26
CA TYR B 429 -7.91 19.42 34.01
C TYR B 429 -7.61 19.38 32.52
N ALA B 430 -7.16 20.50 31.97
CA ALA B 430 -6.95 20.65 30.53
C ALA B 430 -5.52 21.07 30.23
N TYR B 431 -4.95 20.54 29.14
CA TYR B 431 -3.60 20.87 28.73
C TYR B 431 -3.56 21.05 27.22
N VAL B 432 -2.47 21.65 26.74
CA VAL B 432 -2.18 21.77 25.32
C VAL B 432 -0.70 21.47 25.12
N PHE B 433 -0.40 20.37 24.45
CA PHE B 433 0.98 19.97 24.21
C PHE B 433 1.55 20.79 23.04
N GLU B 434 2.68 21.47 23.28
CA GLU B 434 3.22 22.41 22.31
C GLU B 434 4.68 22.16 21.99
N HIS B 435 5.22 20.98 22.30
CA HIS B 435 6.62 20.67 22.06
C HIS B 435 6.73 19.72 20.86
N ARG B 436 7.51 20.13 19.86
CA ARG B 436 7.84 19.27 18.74
C ARG B 436 9.09 18.47 19.07
N ALA B 437 9.02 17.15 18.90
CA ALA B 437 10.15 16.30 19.25
C ALA B 437 11.34 16.60 18.35
N SER B 438 12.54 16.59 18.94
CA SER B 438 13.76 16.86 18.19
C SER B 438 14.07 15.75 17.18
N THR B 439 13.48 14.57 17.34
CA THR B 439 13.72 13.46 16.43
C THR B 439 12.53 13.20 15.52
N LEU B 440 11.67 14.20 15.32
CA LEU B 440 10.47 14.02 14.52
C LEU B 440 10.81 13.93 13.04
N SER B 441 10.12 13.05 12.32
CA SER B 441 10.41 12.77 10.92
C SER B 441 9.43 13.42 9.95
N TRP B 442 8.25 13.82 10.40
CA TRP B 442 7.31 14.52 9.54
C TRP B 442 7.84 15.92 9.22
N PRO B 443 7.35 16.53 8.14
CA PRO B 443 7.83 17.88 7.79
C PRO B 443 7.53 18.89 8.89
N LEU B 444 8.22 20.03 8.80
CA LEU B 444 8.16 21.01 9.88
C LEU B 444 6.84 21.76 9.91
N TRP B 445 6.22 21.99 8.74
CA TRP B 445 4.99 22.77 8.70
C TRP B 445 3.84 22.08 9.43
N MET B 446 3.95 20.78 9.72
CA MET B 446 2.94 20.10 10.50
C MET B 446 3.03 20.42 11.99
N GLY B 447 4.17 20.95 12.44
CA GLY B 447 4.34 21.32 13.83
C GLY B 447 4.31 20.14 14.78
N VAL B 448 3.26 20.07 15.61
CA VAL B 448 3.09 18.96 16.55
C VAL B 448 1.92 18.12 16.06
N PRO B 449 2.17 17.06 15.28
CA PRO B 449 1.06 16.31 14.67
C PRO B 449 0.22 15.52 15.67
N HIS B 450 -0.79 14.83 15.16
CA HIS B 450 -1.73 14.08 15.99
C HIS B 450 -1.07 12.83 16.54
N GLY B 451 -0.83 12.79 17.85
CA GLY B 451 -0.33 11.61 18.52
C GLY B 451 1.12 11.64 18.93
N TYR B 452 1.82 12.75 18.75
CA TYR B 452 3.25 12.82 19.04
C TYR B 452 3.55 13.43 20.39
N GLU B 453 2.65 13.27 21.35
CA GLU B 453 2.94 13.49 22.76
C GLU B 453 3.06 12.19 23.54
N ILE B 454 2.62 11.07 22.95
CA ILE B 454 2.69 9.77 23.61
C ILE B 454 4.13 9.40 23.94
N GLU B 455 5.08 9.81 23.09
CA GLU B 455 6.48 9.49 23.32
C GLU B 455 6.96 10.03 24.66
N PHE B 456 6.53 11.24 25.02
CA PHE B 456 7.00 11.85 26.25
C PHE B 456 6.26 11.36 27.48
N ILE B 457 4.99 11.00 27.34
CA ILE B 457 4.24 10.48 28.48
C ILE B 457 4.80 9.13 28.92
N PHE B 458 5.21 8.31 27.97
CA PHE B 458 5.76 6.98 28.27
C PHE B 458 7.26 7.00 28.55
N GLY B 459 7.86 8.18 28.65
CA GLY B 459 9.27 8.27 28.98
C GLY B 459 10.20 7.71 27.93
N ILE B 460 9.78 7.72 26.66
CA ILE B 460 10.64 7.20 25.59
C ILE B 460 11.96 7.97 25.50
N PRO B 461 12.01 9.30 25.67
CA PRO B 461 13.32 9.99 25.62
C PRO B 461 14.36 9.47 26.60
N LEU B 462 13.98 8.65 27.57
CA LEU B 462 14.94 8.10 28.52
C LEU B 462 15.74 6.93 27.94
N ASP B 463 15.31 6.38 26.81
CA ASP B 463 16.04 5.27 26.19
C ASP B 463 17.39 5.77 25.70
N PRO B 464 18.50 5.15 26.13
CA PRO B 464 19.82 5.63 25.68
C PRO B 464 20.08 5.41 24.21
N SER B 465 19.39 4.48 23.57
CA SER B 465 19.59 4.18 22.16
C SER B 465 18.92 5.19 21.23
N ARG B 466 18.39 6.29 21.77
CA ARG B 466 17.75 7.32 20.97
C ARG B 466 18.54 8.63 21.10
N ASN B 467 18.30 9.54 20.15
CA ASN B 467 19.04 10.80 20.07
C ASN B 467 18.24 11.97 20.63
N TYR B 468 17.49 11.76 21.71
CA TYR B 468 16.79 12.86 22.35
C TYR B 468 17.78 13.75 23.10
N THR B 469 17.46 15.04 23.17
CA THR B 469 18.30 15.99 23.88
C THR B 469 18.12 15.84 25.38
N ALA B 470 19.09 16.38 26.13
CA ALA B 470 19.02 16.31 27.58
C ALA B 470 17.85 17.12 28.13
N GLU B 471 17.41 18.16 27.40
CA GLU B 471 16.27 18.95 27.83
C GLU B 471 14.97 18.14 27.74
N GLU B 472 14.84 17.32 26.70
CA GLU B 472 13.65 16.49 26.56
C GLU B 472 13.59 15.39 27.61
N LYS B 473 14.75 14.96 28.11
CA LYS B 473 14.75 13.93 29.14
C LYS B 473 14.18 14.45 30.45
N ILE B 474 14.56 15.67 30.84
CA ILE B 474 13.96 16.29 32.02
C ILE B 474 12.50 16.65 31.75
N PHE B 475 12.18 17.02 30.50
CA PHE B 475 10.80 17.34 30.15
C PHE B 475 9.90 16.13 30.24
N ALA B 476 10.42 14.94 29.91
CA ALA B 476 9.61 13.73 29.99
C ALA B 476 9.32 13.35 31.44
N GLN B 477 10.32 13.54 32.33
CA GLN B 477 10.12 13.22 33.73
C GLN B 477 9.09 14.13 34.38
N ARG B 478 9.00 15.39 33.93
CA ARG B 478 7.92 16.26 34.40
C ARG B 478 6.56 15.72 33.99
N LEU B 479 6.45 15.26 32.74
CA LEU B 479 5.16 14.78 32.24
C LEU B 479 4.77 13.45 32.89
N MET B 480 5.73 12.55 33.08
CA MET B 480 5.42 11.28 33.71
C MET B 480 4.93 11.49 35.14
N ARG B 481 5.37 12.54 35.81
CA ARG B 481 4.90 12.82 37.17
C ARG B 481 3.53 13.46 37.17
N TYR B 482 3.24 14.32 36.18
CA TYR B 482 1.90 14.87 36.03
C TYR B 482 0.87 13.76 35.87
N TRP B 483 1.15 12.80 34.99
CA TRP B 483 0.24 11.69 34.76
C TRP B 483 0.20 10.75 35.96
N ALA B 484 1.33 10.59 36.66
CA ALA B 484 1.34 9.70 37.83
C ALA B 484 0.63 10.33 39.02
N ASN B 485 0.82 11.63 39.22
CA ASN B 485 0.11 12.31 40.31
C ASN B 485 -1.39 12.27 40.09
N PHE B 486 -1.84 12.40 38.85
CA PHE B 486 -3.27 12.28 38.56
C PHE B 486 -3.78 10.87 38.89
N ALA B 487 -2.96 9.85 38.63
CA ALA B 487 -3.38 8.48 38.92
C ALA B 487 -3.45 8.22 40.42
N ARG B 488 -2.61 8.91 41.21
CA ARG B 488 -2.56 8.66 42.65
C ARG B 488 -3.65 9.41 43.39
N THR B 489 -3.64 10.75 43.30
CA THR B 489 -4.57 11.57 44.06
C THR B 489 -5.66 12.21 43.23
N GLY B 490 -5.62 12.11 41.91
CA GLY B 490 -6.57 12.81 41.07
C GLY B 490 -6.24 14.26 40.83
N ASP B 491 -5.02 14.68 41.17
CA ASP B 491 -4.59 16.07 40.97
C ASP B 491 -3.19 16.01 40.36
N PRO B 492 -3.00 16.53 39.15
CA PRO B 492 -1.66 16.48 38.53
C PRO B 492 -0.62 17.31 39.26
N ASN B 493 -1.01 18.21 40.15
CA ASN B 493 -0.06 19.01 40.88
C ASN B 493 0.60 18.18 41.99
N GLU B 494 1.79 18.61 42.39
CA GLU B 494 2.51 17.94 43.45
C GLU B 494 1.84 18.21 44.80
N PRO B 495 1.57 17.18 45.60
CA PRO B 495 0.94 17.44 46.90
C PRO B 495 1.85 18.14 47.88
N ARG B 496 3.14 17.80 47.89
CA ARG B 496 4.11 18.41 48.80
C ARG B 496 4.87 19.55 48.14
N ASP B 497 4.21 20.40 47.37
CA ASP B 497 4.94 21.43 46.63
C ASP B 497 4.06 22.60 46.25
N PRO B 498 4.20 23.75 46.91
CA PRO B 498 3.67 25.01 46.38
C PRO B 498 4.69 25.81 45.57
N LYS B 499 5.94 25.33 45.47
CA LYS B 499 6.98 26.07 44.78
C LYS B 499 6.79 26.01 43.26
N ALA B 500 6.70 24.81 42.71
CA ALA B 500 6.51 24.65 41.27
C ALA B 500 5.20 25.30 40.84
N PRO B 501 5.12 25.76 39.58
CA PRO B 501 3.88 26.40 39.12
C PRO B 501 2.70 25.45 39.22
N GLN B 502 1.54 26.01 39.57
CA GLN B 502 0.35 25.21 39.84
C GLN B 502 -0.50 25.06 38.58
N TRP B 503 -1.37 24.05 38.60
CA TRP B 503 -2.24 23.72 37.47
C TRP B 503 -3.69 23.91 37.89
N PRO B 504 -4.33 25.02 37.52
CA PRO B 504 -5.71 25.25 37.93
C PRO B 504 -6.67 24.35 37.18
N PRO B 505 -7.73 23.89 37.82
CA PRO B 505 -8.70 23.03 37.13
C PRO B 505 -9.43 23.78 36.03
N TYR B 506 -9.99 23.01 35.11
CA TYR B 506 -10.78 23.56 34.01
C TYR B 506 -12.26 23.58 34.41
N THR B 507 -12.87 24.76 34.38
CA THR B 507 -14.28 24.92 34.67
C THR B 507 -14.98 25.51 33.44
N ALA B 508 -16.31 25.36 33.42
CA ALA B 508 -17.09 25.84 32.28
C ALA B 508 -17.11 27.35 32.17
N GLY B 509 -16.71 28.07 33.22
CA GLY B 509 -16.70 29.52 33.19
C GLY B 509 -15.35 30.10 32.85
N ALA B 510 -14.37 29.91 33.73
CA ALA B 510 -13.04 30.47 33.50
C ALA B 510 -12.35 29.79 32.32
N GLN B 511 -12.48 28.48 32.21
CA GLN B 511 -11.91 27.70 31.11
C GLN B 511 -10.39 27.90 31.02
N GLN B 512 -9.71 27.50 32.09
CA GLN B 512 -8.26 27.64 32.19
C GLN B 512 -7.59 26.33 31.80
N TYR B 513 -6.53 26.44 31.00
CA TYR B 513 -5.74 25.28 30.60
C TYR B 513 -4.26 25.64 30.70
N VAL B 514 -3.39 24.68 30.39
CA VAL B 514 -1.96 24.79 30.61
C VAL B 514 -1.22 24.34 29.35
N SER B 515 -0.17 25.08 28.99
CA SER B 515 0.71 24.70 27.89
C SER B 515 1.86 23.87 28.46
N LEU B 516 2.03 22.66 27.93
CA LEU B 516 3.10 21.75 28.37
C LEU B 516 4.27 21.86 27.38
N ASP B 517 5.38 22.40 27.86
CA ASP B 517 6.56 22.61 27.03
C ASP B 517 7.78 22.62 27.94
N LEU B 518 8.95 22.86 27.35
CA LEU B 518 10.19 22.94 28.10
C LEU B 518 10.16 24.11 29.08
N ARG B 519 9.47 25.19 28.74
CA ARG B 519 9.27 26.29 29.66
C ARG B 519 8.34 25.84 30.80
N PRO B 520 8.42 26.51 31.95
CA PRO B 520 7.49 26.19 33.05
C PRO B 520 6.04 26.35 32.63
N LEU B 521 5.15 25.86 33.49
CA LEU B 521 3.74 25.86 33.18
C LEU B 521 3.23 27.28 32.98
N GLU B 522 2.36 27.45 31.99
CA GLU B 522 1.79 28.75 31.64
C GLU B 522 0.28 28.60 31.51
N VAL B 523 -0.47 29.36 32.30
CA VAL B 523 -1.92 29.24 32.34
C VAL B 523 -2.53 30.15 31.27
N ARG B 524 -3.40 29.57 30.44
CA ARG B 524 -4.12 30.30 29.42
C ARG B 524 -5.61 30.05 29.59
N ARG B 525 -6.41 30.83 28.89
CA ARG B 525 -7.86 30.72 28.95
C ARG B 525 -8.44 30.63 27.54
N GLY B 526 -9.48 29.81 27.40
CA GLY B 526 -10.13 29.64 26.11
C GLY B 526 -9.51 28.56 25.26
N LEU B 527 -10.18 27.41 25.18
CA LEU B 527 -9.72 26.28 24.36
C LEU B 527 -10.24 26.47 22.93
N ARG B 528 -9.67 27.47 22.26
CA ARG B 528 -10.16 27.93 20.95
C ARG B 528 -11.66 28.22 21.02
N ALA B 529 -12.00 29.19 21.87
CA ALA B 529 -13.40 29.46 22.17
C ALA B 529 -14.14 30.03 20.98
N GLN B 530 -13.54 30.99 20.27
CA GLN B 530 -14.23 31.65 19.18
C GLN B 530 -14.50 30.67 18.03
N ALA B 531 -13.55 29.79 17.73
CA ALA B 531 -13.75 28.84 16.65
C ALA B 531 -14.72 27.74 17.04
N CYS B 532 -14.59 27.21 18.27
CA CYS B 532 -15.43 26.10 18.67
C CYS B 532 -16.87 26.51 18.95
N ALA B 533 -17.12 27.80 19.18
CA ALA B 533 -18.50 28.26 19.26
C ALA B 533 -19.21 28.16 17.91
N PHE B 534 -18.45 28.17 16.81
CA PHE B 534 -19.05 27.98 15.49
C PHE B 534 -19.43 26.53 15.26
N TRP B 535 -18.60 25.60 15.74
CA TRP B 535 -18.87 24.18 15.52
C TRP B 535 -19.90 23.65 16.51
N ASN B 536 -19.75 23.98 17.80
CA ASN B 536 -20.60 23.39 18.83
C ASN B 536 -21.96 24.05 18.91
N ARG B 537 -22.06 25.35 18.60
CA ARG B 537 -23.30 26.09 18.78
C ARG B 537 -24.02 26.39 17.48
N PHE B 538 -23.34 26.96 16.49
CA PHE B 538 -24.01 27.50 15.32
C PHE B 538 -24.28 26.45 14.24
N LEU B 539 -23.25 25.73 13.81
CA LEU B 539 -23.39 24.79 12.70
C LEU B 539 -24.53 23.79 12.90
N PRO B 540 -24.80 23.25 14.09
CA PRO B 540 -26.03 22.45 14.23
C PRO B 540 -27.30 23.22 13.91
N LYS B 541 -27.40 24.48 14.34
CA LYS B 541 -28.57 25.28 14.04
C LYS B 541 -28.71 25.58 12.55
N LEU B 542 -27.61 25.52 11.79
CA LEU B 542 -27.66 25.73 10.35
C LEU B 542 -27.97 24.45 9.60
N LEU B 543 -27.44 23.32 10.06
CA LEU B 543 -27.75 22.04 9.41
C LEU B 543 -29.18 21.59 9.68
N SER B 544 -29.83 22.14 10.72
CA SER B 544 -31.23 21.82 10.98
C SER B 544 -32.12 22.49 9.95
N ALA B 545 -31.88 23.78 9.67
CA ALA B 545 -32.58 24.48 8.60
C ALA B 545 -32.01 24.18 7.23
N THR B 546 -30.93 23.40 7.16
CA THR B 546 -30.25 23.01 5.92
C THR B 546 -30.29 24.05 4.80
N1 PQY C . -0.94 -2.91 -13.42
N3 PQY C . 1.21 -4.82 -15.44
C4 PQY C . -0.13 -1.48 -11.88
C5 PQY C . -0.54 -2.90 -12.19
C6 PQY C . -1.84 -0.97 -10.56
C7 PQY C . -1.04 -0.71 -9.28
C8 PQY C . -0.51 -3.97 -14.00
C10 PQY C . 1.55 -6.21 -15.15
C13 PQY C . -2.81 2.26 -7.99
C1 PQY C . -2.23 -2.87 -13.40
C11 PQY C . 2.82 -6.87 -15.72
C12 PQY C . -2.29 1.51 -9.22
C2 PQY C . -2.81 -1.50 -13.19
C3 PQY C . -1.82 -0.41 -12.71
C9 PQY C . 0.95 -3.84 -14.42
N2 PQY C . -1.14 -0.66 -11.67
N4 PQY C . -1.10 0.69 -9.00
N5 PQY C . -2.16 2.03 -6.94
N6 PQY C . 2.87 -8.11 -15.69
O1 PQY C . 0.88 -6.91 -14.51
O2 PQY C . -2.79 1.63 -10.27
O3 PQY C . -2.49 2.62 -5.76
O4 PQY C . 4.02 -8.62 -16.20
S DMS D . -2.58 7.91 15.70
O DMS D . -1.48 8.80 15.39
C1 DMS D . -2.29 6.43 14.93
C2 DMS D . -2.59 7.30 17.27
#